data_9C1C
#
_entry.id   9C1C
#
_cell.length_a   106.524
_cell.length_b   106.524
_cell.length_c   258.644
_cell.angle_alpha   90.00
_cell.angle_beta   90.00
_cell.angle_gamma   90.00
#
_symmetry.space_group_name_H-M   'P 41 21 2'
#
loop_
_entity.id
_entity.type
_entity.pdbx_description
1 polymer 'Polyketide synthase Pks13'
2 polymer 'Polyketide synthase Pks13'
3 non-polymer 'SULFATE ION'
4 non-polymer 'CHLORIDE ION'
5 non-polymer 'TETRAETHYLENE GLYCOL'
6 non-polymer 1,2-ETHANEDIOL
7 non-polymer 'DIMETHYL SULFOXIDE'
8 non-polymer GLYCEROL
9 non-polymer DI(HYDROXYETHYL)ETHER
10 water water
#
loop_
_entity_poly.entity_id
_entity_poly.type
_entity_poly.pdbx_seq_one_letter_code
_entity_poly.pdbx_strand_id
1 'polypeptide(L)'
;SNARFDEFGNIITDSAVAEEPEPELPGVTEEALRLKEAALEELAAQEVTAPLVPLAVSAFLTSRKKAAAAELADWMQSPE
GQASSLESIGRSLSRRNHGRSRAVVLAHDHDEAIKGLRAVAAGKQAPNVFSVDGPVTTGPVWVLAGFGAQHRKMGKSLYL
RNEVFAAWIEKVDALVQDELGYSVLELILDDAQDYGIETTQVTIFAIQIALGELLRHHGAKPAAVIGQ(A1ATO)LGEAA
SAYFAGGLSLRDATRAICSRSHLMGEGEAMLFGEYIRLMALVEYSADEIREVFSDFPDLEVCVYAAPTQTVIGGPPEQVD
AILARAEAEGKFARKFATKGASHTSQMDPLLGELTAELQGIKPTSPTCGIFSTVHEGRYIKPGGEPIHDVEYWKKGLRHS
VYFTHGIRNAVDSGHTTFLELAPNPVALMQVALTTADAGLHDAQLIPTLARKQDEVSSMVSTMAQLYVYGHDLDIRTLFS
RASGPQDYANIPPTRFK
;
A
2 'polypeptide(L)'
;SNARFDEFGNIITDSAVAEEPEPELPGVTEEALRLKEAALEELAAQEVTAPLVPLAVSAFLTSRKKAAAAELADWMQSPE
GQASSLESIGRSLSRRNHGRSRAVVLAHDHDEAIKGLRAVAAGKQAPNVFSVDGPVTTGPVWVLAGFGAQHRKMGKSLYL
RNEVFAAWIEKVDALVQDELGYSVLELILDDAQDYGIETTQVTIFAIQIALGELLRHHGAKPAAVIGQSLGEAASAYFAG
GLSLRDATRAICSRSHLMGEGEAMLFGEYIRLMALVEYSADEIREVFSDFPDLEVCVYAAPTQTVIGGPPEQVDAILARA
EAEGKFARKFATKGASHTSQMDPLLGELTAELQGIKPTSPTCGIFSTVHEGRYIKPGGEPIHDVEYWKKGLRHSVYFTHG
IRNAVDSGHTTFLELAPNPVALMQVALTTADAGLHDAQLIPTLARKQDEVSSMVSTMAQLYVYGHDLDIRTLFSRASGPQ
DYANIPPTRFK
;
B,D
#
loop_
_chem_comp.id
_chem_comp.type
_chem_comp.name
_chem_comp.formula
A1ATO non-polymer (3S)-3-aminoazetidin-2-one 'C3 H6 N2 O'
CL non-polymer 'CHLORIDE ION' 'Cl -1'
DMS non-polymer 'DIMETHYL SULFOXIDE' 'C2 H6 O S'
EDO non-polymer 1,2-ETHANEDIOL 'C2 H6 O2'
GOL non-polymer GLYCEROL 'C3 H8 O3'
PEG non-polymer DI(HYDROXYETHYL)ETHER 'C4 H10 O3'
PG4 non-polymer 'TETRAETHYLENE GLYCOL' 'C8 H18 O5'
SO4 non-polymer 'SULFATE ION' 'O4 S -2'
#
# COMPACT_ATOMS: atom_id res chain seq x y z
N PRO A 23 53.47 -1.75 -16.09
CA PRO A 23 52.09 -2.21 -16.18
C PRO A 23 51.16 -1.13 -16.73
N GLU A 24 50.87 -1.20 -18.05
CA GLU A 24 50.07 -0.20 -18.74
C GLU A 24 48.67 -0.77 -19.02
N LEU A 25 47.62 -0.04 -18.59
CA LEU A 25 46.27 -0.57 -18.56
C LEU A 25 45.61 -0.49 -19.94
N PRO A 26 44.62 -1.38 -20.22
CA PRO A 26 43.81 -1.25 -21.43
C PRO A 26 43.16 0.12 -21.45
N GLY A 27 43.10 0.73 -22.64
CA GLY A 27 42.30 1.93 -22.83
C GLY A 27 40.84 1.60 -23.12
N VAL A 28 40.04 2.65 -23.32
CA VAL A 28 38.68 2.54 -23.82
C VAL A 28 38.69 1.85 -25.18
N THR A 29 37.76 0.93 -25.40
CA THR A 29 37.68 0.17 -26.64
C THR A 29 37.08 0.99 -27.79
N GLU A 30 37.45 0.61 -29.02
CA GLU A 30 36.91 1.18 -30.24
C GLU A 30 35.39 1.16 -30.15
N GLU A 31 34.86 0.01 -29.74
CA GLU A 31 33.42 -0.18 -29.75
C GLU A 31 32.79 0.74 -28.71
N ALA A 32 33.46 0.92 -27.56
CA ALA A 32 32.97 1.83 -26.55
C ALA A 32 32.96 3.24 -27.13
N LEU A 33 34.06 3.61 -27.80
CA LEU A 33 34.14 4.92 -28.45
C LEU A 33 33.04 5.07 -29.50
N ARG A 34 32.81 4.00 -30.28
CA ARG A 34 31.74 4.04 -31.27
C ARG A 34 30.39 4.26 -30.59
N LEU A 35 30.13 3.50 -29.52
CA LEU A 35 28.85 3.59 -28.82
C LEU A 35 28.66 4.96 -28.20
N LYS A 36 29.77 5.58 -27.76
CA LYS A 36 29.72 6.90 -27.13
C LYS A 36 29.34 7.96 -28.16
N GLU A 37 30.00 7.89 -29.33
CA GLU A 37 29.67 8.77 -30.45
C GLU A 37 28.17 8.72 -30.76
N ALA A 38 27.60 7.51 -30.85
CA ALA A 38 26.17 7.35 -31.11
C ALA A 38 25.33 7.88 -29.96
N ALA A 39 25.71 7.52 -28.71
CA ALA A 39 24.97 7.98 -27.55
C ALA A 39 24.96 9.51 -27.49
N LEU A 40 26.09 10.14 -27.82
CA LEU A 40 26.18 11.60 -27.79
C LEU A 40 25.29 12.28 -28.85
N GLU A 41 25.18 11.68 -30.06
CA GLU A 41 24.28 12.18 -31.12
C GLU A 41 22.82 12.04 -30.68
N GLU A 42 22.47 10.85 -30.18
CA GLU A 42 21.12 10.64 -29.67
C GLU A 42 20.86 11.66 -28.57
N LEU A 43 21.87 11.92 -27.72
CA LEU A 43 21.69 12.84 -26.62
C LEU A 43 21.52 14.28 -27.12
N ALA A 44 22.33 14.69 -28.12
CA ALA A 44 22.29 16.04 -28.65
C ALA A 44 20.95 16.38 -29.29
N ALA A 45 20.20 15.36 -29.74
CA ALA A 45 18.98 15.61 -30.47
C ALA A 45 17.74 15.50 -29.57
N GLN A 46 17.87 15.52 -28.25
CA GLN A 46 16.69 15.39 -27.40
C GLN A 46 16.23 16.78 -26.96
N GLU A 47 14.93 16.91 -26.58
CA GLU A 47 14.39 18.08 -25.91
C GLU A 47 15.30 18.36 -24.70
N VAL A 48 15.88 19.56 -24.64
CA VAL A 48 16.67 19.97 -23.49
C VAL A 48 15.73 20.25 -22.31
N THR A 49 15.97 19.61 -21.15
CA THR A 49 15.18 19.86 -19.97
C THR A 49 15.84 20.96 -19.13
N ALA A 50 14.99 21.70 -18.41
CA ALA A 50 15.46 22.59 -17.37
C ALA A 50 16.26 21.77 -16.35
N PRO A 51 17.52 22.16 -16.09
CA PRO A 51 18.29 21.55 -15.01
C PRO A 51 17.76 21.88 -13.63
N LEU A 52 18.00 20.95 -12.70
CA LEU A 52 17.62 21.14 -11.31
C LEU A 52 18.71 21.95 -10.61
N VAL A 53 18.32 23.09 -10.03
CA VAL A 53 19.28 23.97 -9.39
C VAL A 53 19.02 24.03 -7.89
N PRO A 54 20.07 23.85 -7.06
CA PRO A 54 19.95 23.97 -5.60
C PRO A 54 20.15 25.40 -5.10
N LEU A 55 19.14 25.94 -4.41
CA LEU A 55 19.22 27.25 -3.78
C LEU A 55 19.33 27.08 -2.27
N ALA A 56 20.53 27.29 -1.72
CA ALA A 56 20.80 27.14 -0.30
C ALA A 56 20.58 28.46 0.45
N VAL A 57 19.94 28.37 1.62
CA VAL A 57 19.82 29.50 2.52
C VAL A 57 20.12 29.01 3.93
N SER A 58 20.87 29.79 4.70
CA SER A 58 21.22 29.41 6.06
C SER A 58 21.34 30.62 6.97
N ALA A 59 21.43 30.34 8.28
CA ALA A 59 21.56 31.35 9.33
C ALA A 59 21.88 30.66 10.65
N PHE A 60 22.34 31.46 11.61
CA PHE A 60 22.58 30.96 12.96
C PHE A 60 21.23 30.58 13.56
N LEU A 61 20.20 31.38 13.32
CA LEU A 61 18.87 31.14 13.86
C LEU A 61 17.93 30.74 12.73
N THR A 62 17.03 29.81 13.03
CA THR A 62 16.03 29.37 12.09
C THR A 62 15.13 30.55 11.72
N SER A 63 14.85 31.43 12.69
CA SER A 63 14.00 32.59 12.47
C SER A 63 14.56 33.47 11.34
N ARG A 64 15.89 33.64 11.35
CA ARG A 64 16.58 34.49 10.38
C ARG A 64 16.62 33.81 9.00
N LYS A 65 16.93 32.51 8.99
CA LYS A 65 16.93 31.70 7.80
C LYS A 65 15.61 31.87 7.04
N LYS A 66 14.51 31.86 7.81
CA LYS A 66 13.16 31.91 7.25
C LYS A 66 12.87 33.29 6.66
N ALA A 67 13.44 34.33 7.27
CA ALA A 67 13.27 35.69 6.78
C ALA A 67 14.09 35.84 5.51
N ALA A 68 15.34 35.36 5.56
CA ALA A 68 16.24 35.32 4.42
C ALA A 68 15.59 34.59 3.24
N ALA A 69 14.95 33.46 3.50
CA ALA A 69 14.19 32.78 2.46
C ALA A 69 13.09 33.67 1.89
N ALA A 70 12.39 34.44 2.74
CA ALA A 70 11.24 35.24 2.30
C ALA A 70 11.70 36.45 1.48
N GLU A 71 12.79 37.09 1.95
CA GLU A 71 13.42 38.20 1.25
C GLU A 71 13.93 37.74 -0.12
N LEU A 72 14.47 36.51 -0.18
CA LEU A 72 15.00 36.01 -1.45
C LEU A 72 13.84 35.81 -2.42
N ALA A 73 12.72 35.30 -1.91
CA ALA A 73 11.55 35.06 -2.72
C ALA A 73 11.03 36.38 -3.27
N ASP A 74 10.85 37.37 -2.39
CA ASP A 74 10.31 38.66 -2.78
C ASP A 74 11.09 39.18 -3.99
N TRP A 75 12.42 39.20 -3.83
CA TRP A 75 13.36 39.58 -4.87
C TRP A 75 13.22 38.73 -6.14
N MET A 76 13.10 37.40 -6.01
CA MET A 76 13.02 36.57 -7.21
C MET A 76 11.73 36.87 -7.96
N GLN A 77 10.73 37.45 -7.27
CA GLN A 77 9.47 37.86 -7.88
C GLN A 77 9.62 39.15 -8.68
N SER A 78 10.49 40.07 -8.21
CA SER A 78 10.76 41.33 -8.90
C SER A 78 11.32 41.10 -10.31
N PRO A 79 11.18 42.08 -11.22
CA PRO A 79 11.64 41.88 -12.60
C PRO A 79 13.14 41.65 -12.64
N GLU A 80 13.89 42.26 -11.71
CA GLU A 80 15.32 42.05 -11.73
C GLU A 80 15.65 40.60 -11.37
N GLY A 81 14.90 40.04 -10.42
CA GLY A 81 15.04 38.65 -10.02
C GLY A 81 14.66 37.74 -11.17
N GLN A 82 13.53 38.08 -11.81
CA GLN A 82 13.02 37.29 -12.91
C GLN A 82 14.04 37.25 -14.05
N ALA A 83 14.84 38.30 -14.19
CA ALA A 83 15.78 38.41 -15.30
C ALA A 83 17.08 37.65 -15.03
N SER A 84 17.31 37.28 -13.77
CA SER A 84 18.50 36.52 -13.42
C SER A 84 18.19 35.03 -13.49
N SER A 85 19.17 34.24 -13.95
CA SER A 85 19.05 32.80 -14.05
C SER A 85 19.16 32.12 -12.68
N LEU A 86 18.39 31.04 -12.54
CA LEU A 86 18.50 30.19 -11.37
C LEU A 86 19.96 29.89 -11.07
N GLU A 87 20.71 29.51 -12.10
CA GLU A 87 22.10 29.13 -11.88
C GLU A 87 22.90 30.29 -11.27
N SER A 88 22.65 31.55 -11.70
CA SER A 88 23.40 32.69 -11.20
C SER A 88 23.00 33.01 -9.76
N ILE A 89 21.72 32.75 -9.45
CA ILE A 89 21.19 32.93 -8.11
C ILE A 89 21.79 31.88 -7.17
N GLY A 90 21.77 30.61 -7.59
CA GLY A 90 22.35 29.56 -6.78
C GLY A 90 23.85 29.74 -6.57
N ARG A 91 24.55 30.19 -7.60
CA ARG A 91 25.98 30.42 -7.46
C ARG A 91 26.19 31.47 -6.38
N SER A 92 25.38 32.53 -6.46
CA SER A 92 25.56 33.63 -5.51
C SER A 92 25.27 33.12 -4.10
N LEU A 93 24.16 32.38 -3.96
CA LEU A 93 23.78 31.82 -2.68
C LEU A 93 24.87 30.90 -2.14
N SER A 94 25.59 30.20 -3.03
CA SER A 94 26.59 29.22 -2.63
C SER A 94 27.81 29.88 -1.98
N ARG A 95 27.95 31.20 -2.16
CA ARG A 95 29.15 31.87 -1.69
C ARG A 95 28.90 32.53 -0.33
N ARG A 96 27.67 32.46 0.17
CA ARG A 96 27.41 32.97 1.50
C ARG A 96 28.03 32.08 2.57
N ASN A 97 28.09 32.63 3.79
CA ASN A 97 28.41 31.85 4.97
C ASN A 97 27.34 30.79 5.18
N HIS A 98 27.78 29.55 5.36
CA HIS A 98 26.88 28.42 5.52
C HIS A 98 26.66 28.17 7.01
N GLY A 99 25.48 28.53 7.49
CA GLY A 99 25.22 28.51 8.91
C GLY A 99 24.80 27.14 9.43
N ARG A 100 24.25 27.13 10.64
CA ARG A 100 24.01 25.89 11.35
C ARG A 100 22.59 25.46 11.04
N SER A 101 21.70 26.45 10.87
CA SER A 101 20.34 26.22 10.40
C SER A 101 20.27 26.37 8.88
N ARG A 102 19.78 25.34 8.16
CA ARG A 102 20.01 25.29 6.73
C ARG A 102 18.74 24.90 5.99
N ALA A 103 18.66 25.32 4.73
CA ALA A 103 17.61 24.89 3.82
C ALA A 103 18.13 24.90 2.40
N VAL A 104 17.47 24.11 1.55
CA VAL A 104 17.76 24.05 0.14
C VAL A 104 16.43 23.88 -0.57
N VAL A 105 16.20 24.71 -1.59
CA VAL A 105 15.12 24.52 -2.52
C VAL A 105 15.74 24.04 -3.84
N LEU A 106 15.22 22.91 -4.30
CA LEU A 106 15.61 22.30 -5.56
C LEU A 106 14.61 22.80 -6.58
N ALA A 107 15.04 23.64 -7.52
CA ALA A 107 14.08 24.24 -8.44
C ALA A 107 14.58 24.15 -9.88
N HIS A 108 13.62 23.97 -10.80
CA HIS A 108 13.87 23.98 -12.23
C HIS A 108 13.62 25.37 -12.83
N ASP A 109 12.72 26.16 -12.21
CA ASP A 109 12.38 27.50 -12.70
C ASP A 109 12.05 28.43 -11.54
N HIS A 110 11.74 29.69 -11.87
CA HIS A 110 11.52 30.71 -10.87
C HIS A 110 10.25 30.42 -10.06
N ASP A 111 9.22 29.88 -10.72
CA ASP A 111 7.99 29.62 -9.99
C ASP A 111 8.25 28.59 -8.90
N GLU A 112 8.94 27.50 -9.26
CA GLU A 112 9.21 26.43 -8.31
C GLU A 112 10.07 26.97 -7.17
N ALA A 113 11.08 27.79 -7.50
CA ALA A 113 11.99 28.29 -6.48
C ALA A 113 11.24 29.12 -5.45
N ILE A 114 10.37 30.00 -5.95
CA ILE A 114 9.62 30.88 -5.08
C ILE A 114 8.69 30.08 -4.16
N LYS A 115 7.89 29.15 -4.72
CA LYS A 115 6.96 28.34 -3.93
C LYS A 115 7.75 27.66 -2.81
N GLY A 116 8.91 27.10 -3.17
CA GLY A 116 9.73 26.39 -2.21
C GLY A 116 10.31 27.34 -1.16
N LEU A 117 10.69 28.53 -1.61
CA LEU A 117 11.22 29.49 -0.67
C LEU A 117 10.11 29.88 0.30
N ARG A 118 8.87 29.94 -0.18
CA ARG A 118 7.76 30.30 0.67
C ARG A 118 7.55 29.25 1.75
N ALA A 119 7.66 27.96 1.39
CA ALA A 119 7.50 26.88 2.35
C ALA A 119 8.57 26.97 3.42
N VAL A 120 9.82 27.20 2.98
CA VAL A 120 10.94 27.33 3.89
C VAL A 120 10.63 28.41 4.92
N ALA A 121 10.17 29.57 4.44
CA ALA A 121 9.89 30.70 5.30
C ALA A 121 8.75 30.37 6.27
N ALA A 122 7.72 29.69 5.74
CA ALA A 122 6.51 29.37 6.48
C ALA A 122 6.71 28.17 7.41
N GLY A 123 7.89 27.53 7.38
CA GLY A 123 8.14 26.36 8.21
C GLY A 123 7.34 25.14 7.74
N LYS A 124 6.72 25.24 6.56
CA LYS A 124 5.98 24.16 5.93
C LYS A 124 6.94 23.37 5.04
N GLN A 125 6.49 22.19 4.61
CA GLN A 125 7.37 21.30 3.87
C GLN A 125 6.77 21.00 2.51
N ALA A 126 7.59 20.39 1.66
CA ALA A 126 7.26 20.23 0.26
C ALA A 126 8.32 19.32 -0.33
N PRO A 127 8.03 18.63 -1.44
CA PRO A 127 8.93 17.55 -1.89
C PRO A 127 10.32 17.98 -2.41
N ASN A 128 10.45 19.26 -2.81
CA ASN A 128 11.70 19.76 -3.38
C ASN A 128 12.46 20.64 -2.37
N VAL A 129 12.14 20.52 -1.07
CA VAL A 129 12.61 21.39 -0.02
C VAL A 129 13.15 20.60 1.17
N PHE A 130 14.36 20.90 1.63
CA PHE A 130 14.89 20.37 2.88
C PHE A 130 15.22 21.55 3.80
N SER A 131 14.81 21.47 5.07
CA SER A 131 15.04 22.50 6.08
C SER A 131 15.24 21.86 7.44
N VAL A 132 16.31 22.21 8.15
CA VAL A 132 16.59 21.69 9.49
C VAL A 132 17.21 22.78 10.36
N ASP A 133 16.97 22.70 11.69
CA ASP A 133 17.44 23.71 12.62
C ASP A 133 18.94 23.59 12.87
N GLY A 134 19.53 22.40 12.65
CA GLY A 134 20.94 22.26 12.96
C GLY A 134 21.54 21.00 12.35
N PRO A 135 22.87 20.84 12.44
CA PRO A 135 23.56 19.69 11.86
C PRO A 135 23.21 18.40 12.58
N VAL A 136 23.09 17.28 11.84
CA VAL A 136 22.96 15.99 12.47
C VAL A 136 24.32 15.73 13.13
N THR A 137 24.31 14.93 14.20
CA THR A 137 25.41 14.83 15.15
C THR A 137 26.50 13.91 14.63
N THR A 138 26.15 12.94 13.78
CA THR A 138 27.13 11.94 13.36
C THR A 138 27.18 11.94 11.85
N GLY A 139 28.33 11.52 11.30
CA GLY A 139 28.54 11.49 9.87
C GLY A 139 27.76 10.38 9.18
N PRO A 140 27.67 10.40 7.84
CA PRO A 140 26.75 9.51 7.14
C PRO A 140 27.33 8.11 7.02
N VAL A 141 26.43 7.12 6.96
CA VAL A 141 26.79 5.75 6.64
C VAL A 141 26.52 5.56 5.15
N TRP A 142 27.55 5.21 4.38
CA TRP A 142 27.38 4.82 2.98
C TRP A 142 26.96 3.36 2.87
N VAL A 143 25.85 3.14 2.19
CA VAL A 143 25.28 1.82 2.00
C VAL A 143 25.53 1.34 0.57
N LEU A 144 26.26 0.24 0.45
CA LEU A 144 26.57 -0.31 -0.85
C LEU A 144 25.87 -1.66 -0.98
N ALA A 145 24.70 -1.66 -1.63
CA ALA A 145 24.01 -2.93 -1.85
C ALA A 145 24.22 -3.35 -3.29
N GLY A 146 23.16 -3.73 -3.97
CA GLY A 146 23.41 -4.23 -5.30
C GLY A 146 22.22 -4.98 -5.85
N PHE A 147 22.06 -6.26 -5.48
CA PHE A 147 21.21 -7.13 -6.30
C PHE A 147 19.80 -6.57 -6.19
N GLY A 148 19.15 -6.44 -7.34
CA GLY A 148 17.80 -5.91 -7.45
C GLY A 148 17.81 -4.48 -7.98
N ALA A 149 18.99 -3.87 -8.07
CA ALA A 149 19.08 -2.45 -8.38
C ALA A 149 19.33 -2.20 -9.87
N GLN A 150 19.71 -3.26 -10.61
CA GLN A 150 20.18 -3.11 -11.98
C GLN A 150 19.01 -2.71 -12.88
N HIS A 151 19.30 -1.97 -13.94
CA HIS A 151 18.34 -1.73 -15.00
C HIS A 151 19.16 -1.42 -16.25
N ARG A 152 18.56 -1.63 -17.43
CA ARG A 152 19.29 -1.65 -18.69
C ARG A 152 20.24 -0.46 -18.84
N LYS A 153 19.74 0.76 -18.65
CA LYS A 153 20.49 1.95 -19.03
C LYS A 153 21.27 2.57 -17.85
N MET A 154 21.49 1.80 -16.77
CA MET A 154 21.98 2.37 -15.53
C MET A 154 23.36 3.03 -15.75
N GLY A 155 23.51 4.28 -15.31
CA GLY A 155 24.81 4.92 -15.34
C GLY A 155 25.10 5.60 -16.68
N LYS A 156 24.30 5.30 -17.72
CA LYS A 156 24.64 5.79 -19.05
C LYS A 156 24.58 7.32 -19.12
N SER A 157 23.48 7.87 -18.62
CA SER A 157 23.23 9.30 -18.78
C SER A 157 24.24 10.13 -18.00
N LEU A 158 24.58 9.69 -16.79
CA LEU A 158 25.54 10.41 -15.96
C LEU A 158 26.93 10.26 -16.57
N TYR A 159 27.21 9.11 -17.22
CA TYR A 159 28.53 8.91 -17.83
C TYR A 159 28.75 9.91 -18.97
N LEU A 160 27.69 10.27 -19.67
CA LEU A 160 27.82 11.13 -20.83
C LEU A 160 27.87 12.58 -20.38
N ARG A 161 27.33 12.88 -19.18
CA ARG A 161 27.05 14.25 -18.79
C ARG A 161 27.90 14.70 -17.60
N ASN A 162 28.83 13.87 -17.13
CA ASN A 162 29.62 14.23 -15.96
C ASN A 162 31.03 13.70 -16.11
N GLU A 163 31.98 14.62 -16.31
CA GLU A 163 33.35 14.26 -16.68
C GLU A 163 33.97 13.45 -15.54
N VAL A 164 33.59 13.72 -14.27
CA VAL A 164 34.26 13.11 -13.11
C VAL A 164 33.80 11.66 -12.95
N PHE A 165 32.47 11.50 -12.90
CA PHE A 165 31.83 10.21 -12.97
C PHE A 165 32.40 9.38 -14.13
N ALA A 166 32.52 10.01 -15.31
CA ALA A 166 32.98 9.33 -16.51
C ALA A 166 34.41 8.82 -16.33
N ALA A 167 35.24 9.65 -15.71
CA ALA A 167 36.64 9.32 -15.53
C ALA A 167 36.77 8.10 -14.63
N TRP A 168 35.88 7.99 -13.64
CA TRP A 168 35.98 6.88 -12.71
C TRP A 168 35.38 5.61 -13.31
N ILE A 169 34.31 5.75 -14.09
CA ILE A 169 33.79 4.60 -14.83
C ILE A 169 34.88 4.05 -15.74
N GLU A 170 35.57 4.94 -16.48
CA GLU A 170 36.64 4.51 -17.38
C GLU A 170 37.75 3.84 -16.59
N LYS A 171 38.03 4.34 -15.37
CA LYS A 171 39.07 3.75 -14.55
C LYS A 171 38.73 2.30 -14.22
N VAL A 172 37.51 2.06 -13.75
CA VAL A 172 37.11 0.72 -13.38
C VAL A 172 37.03 -0.14 -14.64
N ASP A 173 36.64 0.49 -15.76
CA ASP A 173 36.52 -0.24 -17.00
C ASP A 173 37.87 -0.85 -17.39
N ALA A 174 38.96 -0.12 -17.20
CA ALA A 174 40.26 -0.64 -17.55
C ALA A 174 40.58 -1.86 -16.69
N LEU A 175 40.33 -1.72 -15.39
CA LEU A 175 40.71 -2.74 -14.42
C LEU A 175 39.93 -4.02 -14.68
N VAL A 176 38.68 -3.87 -15.11
CA VAL A 176 37.83 -5.01 -15.34
C VAL A 176 38.23 -5.67 -16.66
N GLN A 177 38.55 -4.87 -17.69
CA GLN A 177 39.10 -5.40 -18.93
C GLN A 177 40.34 -6.25 -18.61
N ASP A 178 41.24 -5.64 -17.84
CA ASP A 178 42.49 -6.30 -17.48
C ASP A 178 42.22 -7.61 -16.77
N GLU A 179 41.15 -7.70 -15.97
CA GLU A 179 40.92 -8.89 -15.14
C GLU A 179 40.05 -9.94 -15.83
N LEU A 180 39.02 -9.56 -16.60
CA LEU A 180 38.08 -10.52 -17.16
C LEU A 180 38.06 -10.49 -18.70
N GLY A 181 38.57 -9.42 -19.32
CA GLY A 181 38.70 -9.33 -20.77
C GLY A 181 37.45 -8.83 -21.49
N TYR A 182 36.56 -8.08 -20.83
CA TYR A 182 35.51 -7.36 -21.55
C TYR A 182 35.36 -5.98 -20.93
N SER A 183 34.55 -5.14 -21.58
CA SER A 183 34.41 -3.75 -21.21
C SER A 183 33.02 -3.49 -20.62
N VAL A 184 32.96 -3.08 -19.35
CA VAL A 184 31.67 -2.73 -18.77
C VAL A 184 31.13 -1.47 -19.42
N LEU A 185 32.03 -0.60 -19.89
CA LEU A 185 31.58 0.65 -20.49
C LEU A 185 30.77 0.31 -21.75
N GLU A 186 31.14 -0.76 -22.45
CA GLU A 186 30.37 -1.20 -23.61
C GLU A 186 28.96 -1.56 -23.16
N LEU A 187 28.83 -2.25 -22.02
CA LEU A 187 27.52 -2.64 -21.51
C LEU A 187 26.69 -1.42 -21.13
N ILE A 188 27.35 -0.41 -20.56
CA ILE A 188 26.63 0.76 -20.09
C ILE A 188 26.06 1.54 -21.27
N LEU A 189 26.86 1.68 -22.34
CA LEU A 189 26.50 2.54 -23.48
C LEU A 189 25.57 1.83 -24.47
N ASP A 190 25.58 0.49 -24.50
CA ASP A 190 24.88 -0.28 -25.51
C ASP A 190 23.47 -0.63 -25.03
N ASP A 191 22.45 -0.02 -25.64
CA ASP A 191 21.08 -0.14 -25.18
C ASP A 191 20.50 -1.54 -25.44
N ALA A 192 21.10 -2.30 -26.34
CA ALA A 192 20.66 -3.64 -26.64
C ALA A 192 21.11 -4.65 -25.57
N GLN A 193 22.11 -4.31 -24.76
CA GLN A 193 22.69 -5.28 -23.85
C GLN A 193 22.04 -5.13 -22.49
N ASP A 194 21.84 -6.29 -21.86
CA ASP A 194 21.16 -6.36 -20.59
C ASP A 194 22.07 -7.18 -19.69
N TYR A 195 21.80 -7.17 -18.39
CA TYR A 195 22.77 -7.61 -17.40
C TYR A 195 22.43 -8.99 -16.88
N GLY A 196 23.45 -9.75 -16.50
CA GLY A 196 23.27 -11.08 -15.93
C GLY A 196 23.93 -11.12 -14.57
N ILE A 197 24.11 -12.33 -14.05
CA ILE A 197 24.58 -12.50 -12.69
C ILE A 197 25.98 -11.93 -12.58
N GLU A 198 26.79 -12.17 -13.61
CA GLU A 198 28.15 -11.68 -13.60
C GLU A 198 28.19 -10.16 -13.85
N THR A 199 27.67 -9.72 -15.00
CA THR A 199 27.90 -8.36 -15.45
C THR A 199 27.21 -7.35 -14.51
N THR A 200 26.08 -7.74 -13.90
CA THR A 200 25.41 -6.87 -12.94
C THR A 200 26.39 -6.47 -11.86
N GLN A 201 27.15 -7.45 -11.36
CA GLN A 201 28.06 -7.25 -10.25
C GLN A 201 29.14 -6.25 -10.58
N VAL A 202 29.79 -6.42 -11.73
CA VAL A 202 30.95 -5.61 -12.04
C VAL A 202 30.49 -4.24 -12.53
N THR A 203 29.28 -4.14 -13.06
CA THR A 203 28.86 -2.86 -13.60
C THR A 203 28.36 -1.98 -12.45
N ILE A 204 27.63 -2.58 -11.50
CA ILE A 204 27.18 -1.85 -10.32
C ILE A 204 28.39 -1.43 -9.49
N PHE A 205 29.35 -2.34 -9.35
CA PHE A 205 30.59 -2.01 -8.69
C PHE A 205 31.10 -0.72 -9.30
N ALA A 206 31.19 -0.71 -10.64
CA ALA A 206 31.75 0.42 -11.36
C ALA A 206 30.94 1.67 -11.03
N ILE A 207 29.61 1.52 -11.04
CA ILE A 207 28.75 2.66 -10.78
C ILE A 207 28.92 3.07 -9.33
N GLN A 208 29.17 2.12 -8.44
CA GLN A 208 29.33 2.45 -7.03
C GLN A 208 30.61 3.24 -6.82
N ILE A 209 31.71 2.77 -7.43
CA ILE A 209 32.98 3.44 -7.30
C ILE A 209 32.88 4.86 -7.84
N ALA A 210 32.28 5.00 -9.03
CA ALA A 210 32.24 6.29 -9.69
C ALA A 210 31.33 7.27 -8.94
N LEU A 211 30.22 6.76 -8.38
CA LEU A 211 29.31 7.64 -7.64
C LEU A 211 30.00 8.20 -6.40
N GLY A 212 30.79 7.34 -5.74
CA GLY A 212 31.42 7.70 -4.48
C GLY A 212 32.54 8.71 -4.71
N GLU A 213 33.34 8.45 -5.75
CA GLU A 213 34.43 9.35 -6.09
C GLU A 213 33.86 10.71 -6.53
N LEU A 214 32.72 10.69 -7.21
CA LEU A 214 32.06 11.92 -7.55
C LEU A 214 31.70 12.68 -6.28
N LEU A 215 31.05 11.99 -5.33
CA LEU A 215 30.74 12.59 -4.04
C LEU A 215 32.00 13.12 -3.35
N ARG A 216 33.09 12.35 -3.32
CA ARG A 216 34.32 12.80 -2.70
C ARG A 216 34.83 14.06 -3.40
N HIS A 217 34.69 14.12 -4.73
CA HIS A 217 35.14 15.26 -5.49
C HIS A 217 34.44 16.54 -5.05
N HIS A 218 33.18 16.45 -4.59
CA HIS A 218 32.43 17.58 -4.13
C HIS A 218 32.58 17.75 -2.61
N GLY A 219 33.47 16.98 -1.98
CA GLY A 219 33.88 17.23 -0.60
C GLY A 219 33.21 16.32 0.42
N ALA A 220 32.44 15.32 -0.01
CA ALA A 220 31.75 14.44 0.92
C ALA A 220 32.68 13.30 1.30
N LYS A 221 32.39 12.66 2.43
CA LYS A 221 33.09 11.43 2.78
C LYS A 221 32.21 10.62 3.74
N PRO A 222 32.40 9.28 3.79
CA PRO A 222 31.73 8.44 4.78
C PRO A 222 32.33 8.47 6.18
N ALA A 223 31.46 8.54 7.18
CA ALA A 223 31.85 8.22 8.54
C ALA A 223 31.99 6.71 8.66
N ALA A 224 31.05 5.97 8.06
CA ALA A 224 31.18 4.53 7.97
C ALA A 224 30.55 3.99 6.68
N VAL A 225 30.81 2.73 6.41
CA VAL A 225 30.22 2.04 5.27
C VAL A 225 29.50 0.80 5.76
N ILE A 226 28.50 0.35 4.99
CA ILE A 226 27.94 -0.97 5.19
C ILE A 226 27.62 -1.55 3.83
N GLY A 227 27.78 -2.88 3.73
CA GLY A 227 27.58 -3.60 2.48
C GLY A 227 26.50 -4.67 2.57
N GLN A 228 25.89 -4.95 1.42
CA GLN A 228 25.04 -6.11 1.21
C GLN A 228 25.66 -6.83 0.01
C1 A1ATO A 229 26.41 -8.85 -1.29
O1 A1ATO A 229 28.89 -8.37 -1.41
C2 A1ATO A 229 25.84 -8.34 -2.67
C3 A1ATO A 229 27.77 -8.40 -1.83
N1 A1ATO A 229 25.99 -8.14 -0.02
N2 A1ATO A 229 27.27 -8.03 -3.00
CA LEU A 230 28.01 -7.49 -4.16
C LEU A 230 28.58 -6.09 -3.92
N GLY A 231 27.89 -5.30 -3.10
CA GLY A 231 28.38 -3.99 -2.70
C GLY A 231 29.57 -4.03 -1.74
N GLU A 232 29.88 -5.20 -1.15
CA GLU A 232 30.92 -5.29 -0.15
C GLU A 232 32.29 -4.91 -0.74
N ALA A 233 32.49 -5.16 -2.05
CA ALA A 233 33.75 -4.87 -2.71
C ALA A 233 33.97 -3.36 -2.72
N ALA A 234 32.97 -2.64 -3.20
CA ALA A 234 33.08 -1.19 -3.20
C ALA A 234 33.22 -0.70 -1.76
N SER A 235 32.53 -1.31 -0.79
CA SER A 235 32.57 -0.77 0.57
C SER A 235 33.98 -0.88 1.11
N ALA A 236 34.71 -1.97 0.78
CA ALA A 236 36.11 -2.10 1.15
C ALA A 236 36.95 -0.96 0.59
N TYR A 237 36.70 -0.58 -0.68
CA TYR A 237 37.47 0.47 -1.34
C TYR A 237 37.26 1.77 -0.58
N PHE A 238 36.00 2.15 -0.35
CA PHE A 238 35.68 3.42 0.26
C PHE A 238 36.04 3.47 1.75
N ALA A 239 36.24 2.29 2.36
CA ALA A 239 36.68 2.24 3.75
C ALA A 239 38.21 2.14 3.85
N GLY A 240 38.91 2.10 2.71
CA GLY A 240 40.36 2.05 2.70
C GLY A 240 40.90 0.70 3.19
N GLY A 241 40.09 -0.34 3.01
CA GLY A 241 40.45 -1.71 3.34
C GLY A 241 41.10 -2.42 2.16
N LEU A 242 40.80 -1.98 0.92
CA LEU A 242 41.49 -2.49 -0.25
C LEU A 242 41.73 -1.35 -1.23
N SER A 243 42.82 -1.47 -1.99
CA SER A 243 43.03 -0.66 -3.17
C SER A 243 41.90 -0.89 -4.17
N LEU A 244 41.74 0.09 -5.05
CA LEU A 244 40.79 -0.07 -6.15
C LEU A 244 41.06 -1.37 -6.90
N ARG A 245 42.34 -1.67 -7.15
CA ARG A 245 42.74 -2.88 -7.87
C ARG A 245 42.22 -4.12 -7.14
N ASP A 246 42.43 -4.17 -5.82
CA ASP A 246 42.11 -5.36 -5.05
C ASP A 246 40.61 -5.48 -4.88
N ALA A 247 39.92 -4.35 -4.72
CA ALA A 247 38.47 -4.40 -4.66
C ALA A 247 37.93 -4.94 -5.97
N THR A 248 38.55 -4.52 -7.09
CA THR A 248 38.12 -4.97 -8.41
C THR A 248 38.34 -6.47 -8.55
N ARG A 249 39.45 -6.99 -8.01
CA ARG A 249 39.69 -8.42 -8.02
C ARG A 249 38.60 -9.12 -7.22
N ALA A 250 38.27 -8.58 -6.03
CA ALA A 250 37.25 -9.17 -5.19
C ALA A 250 35.94 -9.39 -5.97
N ILE A 251 35.47 -8.34 -6.66
CA ILE A 251 34.20 -8.39 -7.38
C ILE A 251 34.32 -9.23 -8.65
N CYS A 252 35.44 -9.12 -9.39
CA CYS A 252 35.61 -9.88 -10.62
C CYS A 252 35.58 -11.38 -10.34
N SER A 253 36.36 -11.78 -9.36
CA SER A 253 36.52 -13.18 -9.01
C SER A 253 35.21 -13.81 -8.57
N ARG A 254 34.56 -13.17 -7.60
CA ARG A 254 33.25 -13.57 -7.11
C ARG A 254 32.22 -13.70 -8.24
N SER A 255 32.16 -12.69 -9.13
CA SER A 255 31.05 -12.55 -10.06
C SER A 255 31.15 -13.54 -11.21
N HIS A 256 32.34 -13.80 -11.72
CA HIS A 256 32.44 -14.70 -12.85
C HIS A 256 32.24 -16.12 -12.34
N LEU A 257 32.76 -16.43 -11.16
CA LEU A 257 32.52 -17.74 -10.56
C LEU A 257 31.03 -17.99 -10.33
N MET A 258 30.28 -17.00 -9.86
CA MET A 258 28.87 -17.22 -9.58
C MET A 258 28.10 -17.33 -10.90
N GLY A 259 28.44 -16.50 -11.89
CA GLY A 259 27.79 -16.55 -13.19
C GLY A 259 28.02 -17.88 -13.92
N GLU A 260 29.27 -18.38 -13.87
CA GLU A 260 29.64 -19.63 -14.53
C GLU A 260 28.99 -20.81 -13.82
N GLY A 261 28.95 -20.76 -12.47
CA GLY A 261 28.33 -21.80 -11.65
C GLY A 261 26.81 -21.89 -11.89
N GLU A 262 26.13 -20.73 -11.91
CA GLU A 262 24.68 -20.70 -11.96
C GLU A 262 24.19 -21.15 -13.34
N ALA A 263 25.00 -20.94 -14.38
CA ALA A 263 24.62 -21.30 -15.73
C ALA A 263 24.71 -22.82 -15.96
N MET A 264 25.51 -23.54 -15.15
CA MET A 264 25.65 -24.98 -15.26
C MET A 264 24.63 -25.71 -14.39
N LEU A 265 23.61 -25.00 -13.89
CA LEU A 265 22.65 -25.56 -12.94
C LEU A 265 21.30 -25.81 -13.61
N PHE A 266 20.84 -27.06 -13.50
CA PHE A 266 19.57 -27.49 -14.08
C PHE A 266 18.97 -28.56 -13.16
N GLY A 267 17.64 -28.61 -13.07
CA GLY A 267 16.93 -29.70 -12.40
C GLY A 267 17.02 -29.69 -10.88
N GLU A 268 17.50 -30.81 -10.30
CA GLU A 268 17.61 -30.98 -8.86
C GLU A 268 18.82 -30.21 -8.33
N TYR A 269 19.62 -29.66 -9.22
CA TYR A 269 20.81 -28.90 -8.83
C TYR A 269 20.43 -27.46 -8.50
N ILE A 270 19.28 -27.01 -9.05
CA ILE A 270 18.81 -25.64 -8.90
C ILE A 270 18.55 -25.40 -7.41
N ARG A 271 18.69 -24.13 -7.02
CA ARG A 271 18.42 -23.62 -5.69
C ARG A 271 17.87 -22.20 -5.85
N LEU A 272 16.65 -21.95 -5.40
CA LEU A 272 16.02 -20.66 -5.54
C LEU A 272 16.31 -19.81 -4.30
N MET A 273 16.17 -18.49 -4.48
CA MET A 273 16.26 -17.50 -3.41
C MET A 273 14.93 -16.77 -3.38
N ALA A 274 14.45 -16.40 -2.19
CA ALA A 274 13.18 -15.72 -2.10
C ALA A 274 13.11 -14.85 -0.85
N LEU A 275 12.27 -13.81 -0.91
CA LEU A 275 12.09 -12.87 0.18
C LEU A 275 10.81 -13.24 0.89
N VAL A 276 10.87 -13.37 2.22
CA VAL A 276 9.68 -13.67 3.00
C VAL A 276 9.67 -12.78 4.23
N GLU A 277 8.43 -12.48 4.66
CA GLU A 277 8.18 -11.60 5.77
C GLU A 277 8.19 -12.40 7.07
N TYR A 278 9.37 -12.94 7.38
CA TYR A 278 9.58 -13.59 8.65
C TYR A 278 10.81 -12.93 9.27
N SER A 279 10.76 -12.74 10.59
CA SER A 279 11.90 -12.29 11.37
C SER A 279 12.90 -13.43 11.51
N ALA A 280 14.11 -13.13 12.03
CA ALA A 280 15.09 -14.17 12.33
C ALA A 280 14.51 -15.19 13.30
N ASP A 281 13.74 -14.74 14.30
CA ASP A 281 13.19 -15.63 15.31
C ASP A 281 12.08 -16.49 14.71
N GLU A 282 11.21 -15.89 13.89
CA GLU A 282 10.22 -16.64 13.15
C GLU A 282 10.90 -17.76 12.32
N ILE A 283 11.99 -17.42 11.63
CA ILE A 283 12.64 -18.31 10.69
C ILE A 283 13.14 -19.56 11.41
N ARG A 284 13.66 -19.40 12.63
CA ARG A 284 14.17 -20.51 13.43
C ARG A 284 13.05 -21.53 13.65
N GLU A 285 11.80 -21.10 13.93
CA GLU A 285 10.64 -21.96 14.09
C GLU A 285 10.20 -22.55 12.76
N VAL A 286 9.98 -21.70 11.77
CA VAL A 286 9.49 -22.08 10.45
C VAL A 286 10.42 -23.10 9.77
N PHE A 287 11.75 -23.00 9.97
CA PHE A 287 12.68 -23.85 9.24
C PHE A 287 12.68 -25.28 9.75
N SER A 288 12.04 -25.54 10.90
CA SER A 288 11.99 -26.90 11.42
C SER A 288 11.20 -27.76 10.46
N ASP A 289 10.36 -27.14 9.61
CA ASP A 289 9.57 -27.88 8.62
C ASP A 289 10.29 -28.02 7.28
N PHE A 290 11.43 -27.35 7.12
CA PHE A 290 12.10 -27.26 5.83
C PHE A 290 13.60 -27.43 6.02
N PRO A 291 14.09 -28.67 6.09
CA PRO A 291 15.45 -28.91 6.59
C PRO A 291 16.61 -28.42 5.73
N ASP A 292 16.36 -28.07 4.45
CA ASP A 292 17.43 -27.63 3.57
C ASP A 292 17.38 -26.13 3.29
N LEU A 293 16.43 -25.40 3.89
CA LEU A 293 16.42 -23.95 3.71
C LEU A 293 17.53 -23.30 4.54
N GLU A 294 18.14 -22.24 4.01
CA GLU A 294 19.12 -21.44 4.74
C GLU A 294 18.78 -19.97 4.58
N VAL A 295 19.37 -19.16 5.47
CA VAL A 295 19.18 -17.72 5.43
C VAL A 295 20.29 -17.13 4.57
N CYS A 296 19.89 -16.41 3.53
CA CYS A 296 20.82 -15.67 2.69
C CYS A 296 21.08 -14.29 3.28
N VAL A 297 20.00 -13.57 3.59
CA VAL A 297 20.12 -12.17 4.00
C VAL A 297 19.11 -11.88 5.09
N TYR A 298 19.56 -11.45 6.28
CA TYR A 298 18.64 -10.77 7.19
C TYR A 298 18.51 -9.32 6.74
N ALA A 299 17.46 -9.03 5.96
CA ALA A 299 17.33 -7.77 5.25
C ALA A 299 16.70 -6.69 6.12
N ALA A 300 15.76 -7.09 6.96
CA ALA A 300 15.02 -6.16 7.76
C ALA A 300 14.47 -6.91 8.97
N PRO A 301 13.91 -6.23 9.98
CA PRO A 301 13.47 -6.91 11.19
C PRO A 301 12.49 -8.06 10.91
N THR A 302 11.59 -7.89 9.93
CA THR A 302 10.62 -8.92 9.59
C THR A 302 10.74 -9.30 8.12
N GLN A 303 11.92 -9.17 7.51
CA GLN A 303 12.13 -9.60 6.14
C GLN A 303 13.45 -10.34 6.03
N THR A 304 13.38 -11.56 5.50
CA THR A 304 14.55 -12.40 5.35
C THR A 304 14.55 -13.00 3.94
N VAL A 305 15.74 -13.05 3.35
CA VAL A 305 15.94 -13.76 2.11
C VAL A 305 16.43 -15.14 2.46
N ILE A 306 15.68 -16.13 1.97
CA ILE A 306 15.94 -17.53 2.26
C ILE A 306 16.31 -18.19 0.94
N GLY A 307 16.95 -19.36 1.07
CA GLY A 307 17.44 -20.08 -0.09
C GLY A 307 17.48 -21.58 0.13
N GLY A 308 17.28 -22.34 -0.95
CA GLY A 308 17.39 -23.78 -0.93
C GLY A 308 16.59 -24.42 -2.05
N PRO A 309 16.33 -25.73 -1.92
CA PRO A 309 15.65 -26.49 -2.96
C PRO A 309 14.30 -25.94 -3.35
N PRO A 310 13.98 -25.93 -4.66
CA PRO A 310 12.73 -25.36 -5.15
C PRO A 310 11.46 -25.81 -4.43
N GLU A 311 11.34 -27.11 -4.16
CA GLU A 311 10.09 -27.57 -3.54
C GLU A 311 9.93 -26.95 -2.14
N GLN A 312 11.04 -26.80 -1.41
CA GLN A 312 11.00 -26.21 -0.06
C GLN A 312 10.80 -24.70 -0.10
N VAL A 313 11.37 -24.04 -1.11
CA VAL A 313 11.18 -22.61 -1.25
C VAL A 313 9.72 -22.32 -1.55
N ASP A 314 9.13 -23.06 -2.52
CA ASP A 314 7.72 -22.87 -2.85
C ASP A 314 6.84 -23.16 -1.63
N ALA A 315 7.22 -24.15 -0.82
CA ALA A 315 6.37 -24.49 0.31
C ALA A 315 6.42 -23.36 1.35
N ILE A 316 7.60 -22.79 1.63
CA ILE A 316 7.62 -21.69 2.58
C ILE A 316 6.90 -20.46 2.02
N LEU A 317 6.98 -20.24 0.70
CA LEU A 317 6.26 -19.16 0.05
C LEU A 317 4.77 -19.33 0.28
N ALA A 318 4.28 -20.54 0.00
CA ALA A 318 2.88 -20.86 0.19
C ALA A 318 2.50 -20.65 1.65
N ARG A 319 3.32 -21.13 2.59
CA ARG A 319 2.97 -20.93 3.99
C ARG A 319 2.87 -19.43 4.30
N ALA A 320 3.76 -18.62 3.72
CA ALA A 320 3.75 -17.21 4.03
C ALA A 320 2.49 -16.56 3.46
N GLU A 321 2.21 -16.79 2.16
CA GLU A 321 1.04 -16.24 1.46
C GLU A 321 -0.25 -16.58 2.23
N ALA A 322 -0.29 -17.76 2.85
CA ALA A 322 -1.47 -18.24 3.57
C ALA A 322 -1.61 -17.55 4.93
N GLU A 323 -0.50 -17.00 5.48
CA GLU A 323 -0.51 -16.29 6.76
C GLU A 323 -0.58 -14.79 6.49
N GLY A 324 -0.81 -14.40 5.22
CA GLY A 324 -0.87 -13.02 4.79
C GLY A 324 0.47 -12.29 4.88
N LYS A 325 1.58 -13.00 4.69
CA LYS A 325 2.91 -12.41 4.80
C LYS A 325 3.45 -12.29 3.40
N PHE A 326 4.22 -11.25 3.15
CA PHE A 326 4.75 -10.97 1.83
C PHE A 326 5.75 -12.07 1.47
N ALA A 327 5.87 -12.40 0.19
CA ALA A 327 6.79 -13.44 -0.25
C ALA A 327 7.09 -13.34 -1.74
N ARG A 328 8.35 -13.18 -2.11
CA ARG A 328 8.68 -12.96 -3.50
C ARG A 328 9.84 -13.87 -3.90
N LYS A 329 9.61 -14.68 -4.93
CA LYS A 329 10.64 -15.50 -5.52
C LYS A 329 11.53 -14.64 -6.41
N PHE A 330 12.84 -14.83 -6.35
CA PHE A 330 13.77 -14.10 -7.18
C PHE A 330 14.04 -14.89 -8.46
N ALA A 331 14.84 -14.31 -9.34
CA ALA A 331 15.25 -14.98 -10.55
C ALA A 331 16.74 -15.27 -10.44
N THR A 332 17.04 -16.51 -10.14
CA THR A 332 18.38 -17.05 -10.23
C THR A 332 18.18 -18.54 -10.04
N LYS A 333 18.97 -19.35 -10.77
CA LYS A 333 18.92 -20.78 -10.61
C LYS A 333 19.86 -21.15 -9.48
N GLY A 334 20.43 -20.13 -8.82
CA GLY A 334 21.44 -20.31 -7.78
C GLY A 334 21.13 -19.50 -6.51
N ALA A 335 21.78 -19.93 -5.43
CA ALA A 335 21.57 -19.36 -4.11
C ALA A 335 22.90 -18.96 -3.48
N SER A 336 23.28 -17.69 -3.64
CA SER A 336 24.39 -17.16 -2.87
C SER A 336 24.06 -17.23 -1.38
N HIS A 337 25.12 -17.18 -0.56
CA HIS A 337 25.01 -17.18 0.90
C HIS A 337 24.32 -18.46 1.38
N THR A 338 24.46 -19.53 0.56
CA THR A 338 24.08 -20.89 0.93
C THR A 338 25.21 -21.84 0.55
N SER A 339 24.95 -23.13 0.81
CA SER A 339 25.92 -24.20 0.76
C SER A 339 26.20 -24.55 -0.70
N GLN A 340 25.30 -24.12 -1.58
CA GLN A 340 25.53 -24.28 -2.99
C GLN A 340 26.77 -23.51 -3.46
N MET A 341 27.31 -22.61 -2.62
CA MET A 341 28.51 -21.89 -2.98
C MET A 341 29.78 -22.71 -2.67
N ASP A 342 29.65 -23.87 -2.02
CA ASP A 342 30.82 -24.61 -1.55
C ASP A 342 31.80 -24.93 -2.68
N PRO A 343 31.36 -25.43 -3.85
CA PRO A 343 32.29 -25.73 -4.95
C PRO A 343 33.13 -24.55 -5.45
N LEU A 344 32.73 -23.32 -5.13
CA LEU A 344 33.38 -22.15 -5.70
C LEU A 344 34.52 -21.68 -4.82
N LEU A 345 34.48 -22.03 -3.53
CA LEU A 345 35.34 -21.38 -2.57
C LEU A 345 36.80 -21.66 -2.87
N GLY A 346 37.08 -22.86 -3.42
CA GLY A 346 38.44 -23.24 -3.79
C GLY A 346 39.03 -22.28 -4.84
N GLU A 347 38.31 -22.14 -5.96
CA GLU A 347 38.69 -21.25 -7.04
C GLU A 347 38.86 -19.82 -6.53
N LEU A 348 37.89 -19.34 -5.73
CA LEU A 348 37.91 -17.98 -5.23
C LEU A 348 39.18 -17.72 -4.41
N THR A 349 39.53 -18.69 -3.55
CA THR A 349 40.76 -18.64 -2.76
C THR A 349 41.97 -18.46 -3.67
N ALA A 350 42.12 -19.32 -4.68
CA ALA A 350 43.27 -19.25 -5.56
C ALA A 350 43.32 -17.90 -6.26
N GLU A 351 42.18 -17.47 -6.80
CA GLU A 351 42.09 -16.25 -7.60
C GLU A 351 42.39 -14.99 -6.82
N LEU A 352 42.15 -14.96 -5.50
CA LEU A 352 42.28 -13.71 -4.77
C LEU A 352 43.62 -13.64 -4.03
N GLN A 353 44.44 -14.70 -4.11
CA GLN A 353 45.80 -14.68 -3.58
C GLN A 353 46.51 -13.43 -4.10
N GLY A 354 47.22 -12.70 -3.22
CA GLY A 354 47.98 -11.53 -3.63
C GLY A 354 47.37 -10.22 -3.14
N ILE A 355 46.09 -10.22 -2.75
CA ILE A 355 45.44 -8.98 -2.35
C ILE A 355 46.02 -8.52 -1.02
N LYS A 356 45.96 -7.19 -0.82
CA LYS A 356 46.66 -6.51 0.26
C LYS A 356 45.60 -5.79 1.10
N PRO A 357 45.04 -6.47 2.12
CA PRO A 357 44.10 -5.84 3.05
C PRO A 357 44.78 -4.74 3.85
N THR A 358 44.12 -3.58 4.01
CA THR A 358 44.71 -2.45 4.70
C THR A 358 43.80 -2.05 5.86
N SER A 359 44.38 -1.20 6.71
CA SER A 359 43.70 -0.71 7.89
C SER A 359 42.65 0.30 7.47
N PRO A 360 41.35 0.07 7.71
CA PRO A 360 40.34 1.04 7.30
C PRO A 360 40.56 2.44 7.82
N THR A 361 40.12 3.42 7.02
CA THR A 361 40.25 4.86 7.24
C THR A 361 38.89 5.46 7.59
N CYS A 362 37.83 4.64 7.53
CA CYS A 362 36.56 4.99 8.15
C CYS A 362 35.96 3.73 8.76
N GLY A 363 34.83 3.86 9.43
CA GLY A 363 34.20 2.74 10.11
C GLY A 363 33.52 1.80 9.13
N ILE A 364 33.45 0.53 9.54
CA ILE A 364 32.82 -0.53 8.75
C ILE A 364 31.81 -1.23 9.65
N PHE A 365 30.54 -1.21 9.26
CA PHE A 365 29.63 -2.19 9.80
C PHE A 365 29.69 -3.40 8.87
N SER A 366 30.32 -4.47 9.35
CA SER A 366 30.54 -5.64 8.52
C SER A 366 29.36 -6.59 8.63
N THR A 367 28.59 -6.70 7.53
CA THR A 367 27.46 -7.61 7.40
C THR A 367 27.93 -9.05 7.21
N VAL A 368 29.21 -9.23 6.86
CA VAL A 368 29.87 -10.53 6.86
C VAL A 368 30.08 -10.99 8.31
N HIS A 369 30.67 -10.13 9.16
CA HIS A 369 30.95 -10.47 10.55
C HIS A 369 29.80 -10.05 11.45
N GLU A 370 28.58 -10.45 11.08
CA GLU A 370 27.41 -10.44 11.94
C GLU A 370 26.96 -9.02 12.26
N GLY A 371 27.35 -8.04 11.42
CA GLY A 371 26.93 -6.67 11.60
C GLY A 371 27.76 -5.94 12.65
N ARG A 372 28.93 -6.48 13.00
CA ARG A 372 29.78 -5.84 13.98
C ARG A 372 30.59 -4.71 13.34
N TYR A 373 31.05 -3.80 14.20
CA TYR A 373 31.64 -2.53 13.82
C TYR A 373 33.15 -2.64 13.97
N ILE A 374 33.87 -2.20 12.94
CA ILE A 374 35.32 -2.08 12.97
C ILE A 374 35.66 -0.61 12.90
N LYS A 375 36.51 -0.15 13.81
CA LYS A 375 36.78 1.26 13.96
C LYS A 375 37.80 1.69 12.91
N PRO A 376 37.81 2.98 12.56
CA PRO A 376 38.88 3.53 11.73
C PRO A 376 40.19 3.27 12.45
N GLY A 377 41.23 2.86 11.70
CA GLY A 377 42.52 2.51 12.25
C GLY A 377 42.58 1.08 12.77
N GLY A 378 41.46 0.36 12.77
CA GLY A 378 41.46 -1.01 13.26
C GLY A 378 42.32 -1.94 12.41
N GLU A 379 42.34 -3.20 12.82
CA GLU A 379 43.07 -4.22 12.07
C GLU A 379 42.35 -4.47 10.75
N PRO A 380 43.08 -4.83 9.66
CA PRO A 380 42.44 -5.18 8.39
C PRO A 380 41.49 -6.37 8.52
N ILE A 381 40.43 -6.36 7.70
CA ILE A 381 39.47 -7.43 7.67
C ILE A 381 39.36 -8.06 6.28
N HIS A 382 39.85 -7.40 5.22
CA HIS A 382 39.42 -7.73 3.86
C HIS A 382 40.39 -8.72 3.21
N ASP A 383 40.73 -9.79 3.94
CA ASP A 383 41.57 -10.86 3.46
C ASP A 383 40.73 -11.84 2.63
N VAL A 384 41.40 -12.84 2.05
CA VAL A 384 40.74 -13.80 1.18
C VAL A 384 39.59 -14.48 1.92
N GLU A 385 39.82 -14.81 3.19
CA GLU A 385 38.85 -15.59 3.96
C GLU A 385 37.59 -14.75 4.14
N TYR A 386 37.74 -13.43 4.13
CA TYR A 386 36.59 -12.56 4.28
C TYR A 386 35.65 -12.69 3.07
N TRP A 387 36.20 -12.79 1.85
CA TRP A 387 35.37 -12.85 0.64
C TRP A 387 34.72 -14.22 0.51
N LYS A 388 35.40 -15.27 0.98
CA LYS A 388 34.85 -16.62 0.97
C LYS A 388 33.71 -16.72 1.97
N LYS A 389 33.98 -16.22 3.18
CA LYS A 389 33.00 -16.14 4.24
C LYS A 389 31.79 -15.36 3.74
N GLY A 390 32.05 -14.22 3.11
CA GLY A 390 30.96 -13.38 2.59
C GLY A 390 30.07 -14.12 1.59
N LEU A 391 30.66 -14.75 0.59
CA LEU A 391 29.88 -15.46 -0.41
C LEU A 391 29.09 -16.60 0.22
N ARG A 392 29.73 -17.30 1.17
CA ARG A 392 29.18 -18.55 1.68
C ARG A 392 28.08 -18.31 2.71
N HIS A 393 28.24 -17.29 3.58
CA HIS A 393 27.38 -17.17 4.75
C HIS A 393 26.39 -16.01 4.66
N SER A 394 25.43 -16.02 5.60
CA SER A 394 24.36 -15.06 5.69
C SER A 394 24.91 -13.63 5.74
N VAL A 395 24.08 -12.71 5.24
CA VAL A 395 24.35 -11.29 5.24
C VAL A 395 23.55 -10.67 6.37
N TYR A 396 24.27 -10.11 7.36
CA TYR A 396 23.61 -9.56 8.54
C TYR A 396 23.34 -8.08 8.34
N PHE A 397 22.39 -7.76 7.45
CA PHE A 397 22.20 -6.38 7.02
C PHE A 397 21.47 -5.58 8.10
N THR A 398 20.26 -6.04 8.50
CA THR A 398 19.46 -5.34 9.49
C THR A 398 20.27 -5.16 10.78
N HIS A 399 21.12 -6.14 11.10
CA HIS A 399 21.96 -6.11 12.30
C HIS A 399 23.01 -4.99 12.21
N GLY A 400 23.60 -4.84 11.02
CA GLY A 400 24.59 -3.79 10.80
C GLY A 400 23.95 -2.40 10.91
N ILE A 401 22.77 -2.26 10.29
CA ILE A 401 22.01 -1.03 10.34
C ILE A 401 21.60 -0.75 11.79
N ARG A 402 21.14 -1.78 12.49
CA ARG A 402 20.67 -1.58 13.86
C ARG A 402 21.86 -1.11 14.71
N ASN A 403 23.04 -1.66 14.43
CA ASN A 403 24.24 -1.31 15.18
C ASN A 403 24.64 0.15 14.91
N ALA A 404 24.43 0.61 13.67
CA ALA A 404 24.68 1.99 13.29
C ALA A 404 23.73 2.94 14.02
N VAL A 405 22.43 2.67 13.98
CA VAL A 405 21.45 3.48 14.71
C VAL A 405 21.85 3.60 16.18
N ASP A 406 22.11 2.47 16.83
CA ASP A 406 22.38 2.43 18.25
C ASP A 406 23.69 3.16 18.59
N SER A 407 24.54 3.45 17.60
CA SER A 407 25.75 4.19 17.91
C SER A 407 25.67 5.63 17.39
N GLY A 408 24.46 6.12 17.08
CA GLY A 408 24.25 7.54 16.84
C GLY A 408 23.99 7.93 15.38
N HIS A 409 24.15 7.01 14.41
CA HIS A 409 24.06 7.36 13.00
C HIS A 409 22.60 7.55 12.57
N THR A 410 22.33 8.63 11.82
CA THR A 410 20.97 8.88 11.37
C THR A 410 20.91 9.07 9.86
N THR A 411 22.04 9.40 9.24
CA THR A 411 22.06 9.60 7.82
C THR A 411 22.57 8.34 7.14
N PHE A 412 21.73 7.77 6.26
CA PHE A 412 22.13 6.64 5.43
C PHE A 412 21.98 6.99 3.95
N LEU A 413 23.04 6.79 3.19
CA LEU A 413 23.16 7.27 1.83
C LEU A 413 23.49 6.05 0.96
N GLU A 414 22.61 5.74 0.02
CA GLU A 414 22.78 4.53 -0.76
C GLU A 414 23.43 4.92 -2.08
N LEU A 415 24.59 4.34 -2.35
CA LEU A 415 25.23 4.36 -3.66
C LEU A 415 24.67 3.20 -4.46
N ALA A 416 23.77 3.50 -5.42
CA ALA A 416 23.21 2.46 -6.26
C ALA A 416 22.58 3.07 -7.51
N PRO A 417 22.37 2.24 -8.55
CA PRO A 417 21.61 2.66 -9.73
C PRO A 417 20.12 2.77 -9.45
N ASN A 418 19.66 2.21 -8.33
CA ASN A 418 18.26 2.25 -7.95
C ASN A 418 18.17 2.02 -6.44
N PRO A 419 17.38 2.78 -5.67
CA PRO A 419 17.46 2.73 -4.21
C PRO A 419 16.73 1.62 -3.44
N VAL A 420 17.06 0.38 -3.78
CA VAL A 420 16.43 -0.81 -3.24
C VAL A 420 16.69 -0.97 -1.73
N ALA A 421 17.93 -0.74 -1.33
CA ALA A 421 18.32 -1.04 0.05
C ALA A 421 17.79 0.01 1.05
N LEU A 422 17.54 1.26 0.62
CA LEU A 422 17.02 2.28 1.53
C LEU A 422 15.66 1.91 2.09
N MET A 423 14.84 1.21 1.29
CA MET A 423 13.53 0.80 1.75
C MET A 423 13.67 -0.22 2.89
N GLN A 424 14.74 -1.03 2.84
CA GLN A 424 15.02 -1.97 3.91
C GLN A 424 15.60 -1.23 5.12
N VAL A 425 16.49 -0.27 4.86
CA VAL A 425 17.07 0.53 5.92
C VAL A 425 15.97 1.23 6.75
N ALA A 426 14.93 1.75 6.10
CA ALA A 426 13.89 2.47 6.80
C ALA A 426 13.16 1.56 7.79
N LEU A 427 12.93 0.30 7.39
CA LEU A 427 12.30 -0.64 8.29
C LEU A 427 13.14 -0.82 9.56
N THR A 428 14.48 -0.92 9.44
CA THR A 428 15.29 -1.19 10.61
C THR A 428 15.44 0.06 11.46
N THR A 429 15.51 1.24 10.82
CA THR A 429 15.67 2.48 11.58
C THR A 429 14.41 2.73 12.39
N ALA A 430 13.24 2.53 11.76
CA ALA A 430 11.98 2.71 12.43
C ALA A 430 11.86 1.77 13.63
N ASP A 431 12.30 0.53 13.43
CA ASP A 431 12.15 -0.49 14.45
C ASP A 431 13.07 -0.21 15.64
N ALA A 432 14.18 0.52 15.43
CA ALA A 432 15.10 0.84 16.51
C ALA A 432 14.70 2.13 17.21
N GLY A 433 13.56 2.72 16.81
CA GLY A 433 13.05 3.92 17.44
C GLY A 433 13.52 5.22 16.77
N LEU A 434 14.16 5.13 15.59
CA LEU A 434 14.57 6.29 14.83
C LEU A 434 13.55 6.56 13.73
N HIS A 435 12.59 7.47 14.01
CA HIS A 435 11.50 7.76 13.09
C HIS A 435 11.95 8.83 12.09
N ASP A 436 13.12 9.40 12.35
CA ASP A 436 13.53 10.67 11.80
C ASP A 436 14.65 10.51 10.76
N ALA A 437 14.95 9.30 10.27
CA ALA A 437 16.27 9.08 9.69
C ALA A 437 16.44 9.87 8.38
N GLN A 438 17.67 10.26 8.05
CA GLN A 438 17.93 10.86 6.75
C GLN A 438 18.39 9.78 5.77
N LEU A 439 17.47 9.40 4.89
CA LEU A 439 17.69 8.36 3.90
C LEU A 439 17.93 9.02 2.56
N ILE A 440 19.20 9.01 2.13
CA ILE A 440 19.57 9.77 0.96
C ILE A 440 19.89 8.79 -0.16
N PRO A 441 19.07 8.75 -1.25
CA PRO A 441 19.40 7.92 -2.42
C PRO A 441 20.43 8.59 -3.32
N THR A 442 20.87 7.86 -4.36
CA THR A 442 21.62 8.44 -5.45
C THR A 442 20.80 8.26 -6.73
N LEU A 443 21.23 7.40 -7.66
CA LEU A 443 20.52 7.29 -8.93
C LEU A 443 19.24 6.49 -8.77
N ALA A 444 18.32 6.70 -9.71
CA ALA A 444 17.11 5.89 -9.81
C ALA A 444 16.65 5.84 -11.27
N ARG A 445 16.08 4.69 -11.65
CA ARG A 445 15.59 4.46 -12.99
C ARG A 445 14.45 5.42 -13.29
N LYS A 446 14.45 5.93 -14.52
CA LYS A 446 13.43 6.88 -14.96
C LYS A 446 13.40 8.11 -14.03
N GLN A 447 14.55 8.44 -13.41
CA GLN A 447 14.82 9.75 -12.84
C GLN A 447 16.13 10.26 -13.45
N ASP A 448 16.16 11.54 -13.85
CA ASP A 448 17.34 12.14 -14.45
C ASP A 448 18.52 12.02 -13.49
N GLU A 449 19.68 11.57 -14.01
CA GLU A 449 20.78 11.13 -13.18
C GLU A 449 21.54 12.32 -12.63
N VAL A 450 21.65 13.40 -13.42
CA VAL A 450 22.31 14.62 -12.99
C VAL A 450 21.49 15.27 -11.87
N SER A 451 20.16 15.33 -12.04
CA SER A 451 19.23 15.86 -11.05
C SER A 451 19.36 15.11 -9.72
N SER A 452 19.34 13.79 -9.80
CA SER A 452 19.47 12.91 -8.65
C SER A 452 20.69 13.32 -7.84
N MET A 453 21.85 13.42 -8.51
CA MET A 453 23.09 13.72 -7.81
C MET A 453 23.06 15.13 -7.20
N VAL A 454 22.44 16.09 -7.90
CA VAL A 454 22.26 17.41 -7.32
C VAL A 454 21.49 17.27 -5.99
N SER A 455 20.40 16.50 -6.02
CA SER A 455 19.56 16.28 -4.87
C SER A 455 20.34 15.62 -3.72
N THR A 456 21.14 14.60 -4.08
CA THR A 456 21.95 13.90 -3.09
C THR A 456 22.86 14.88 -2.37
N MET A 457 23.59 15.68 -3.15
CA MET A 457 24.58 16.59 -2.61
C MET A 457 23.88 17.73 -1.87
N ALA A 458 22.72 18.18 -2.37
CA ALA A 458 21.91 19.15 -1.64
C ALA A 458 21.61 18.70 -0.22
N GLN A 459 21.23 17.42 -0.08
CA GLN A 459 20.78 16.88 1.18
C GLN A 459 21.95 16.73 2.13
N LEU A 460 23.09 16.26 1.65
CA LEU A 460 24.27 16.20 2.47
C LEU A 460 24.53 17.59 3.06
N TYR A 461 24.37 18.64 2.24
CA TYR A 461 24.64 20.01 2.67
C TYR A 461 23.69 20.39 3.78
N VAL A 462 22.40 20.14 3.61
CA VAL A 462 21.39 20.67 4.50
C VAL A 462 21.54 20.09 5.91
N TYR A 463 22.03 18.86 6.03
CA TYR A 463 22.16 18.18 7.30
C TYR A 463 23.56 18.42 7.90
N GLY A 464 24.38 19.24 7.26
CA GLY A 464 25.65 19.65 7.84
C GLY A 464 26.79 18.67 7.61
N HIS A 465 26.58 17.67 6.77
CA HIS A 465 27.68 16.78 6.44
C HIS A 465 28.68 17.53 5.55
N ASP A 466 29.91 17.05 5.47
CA ASP A 466 30.87 17.62 4.54
C ASP A 466 30.32 17.58 3.12
N LEU A 467 30.28 18.77 2.52
CA LEU A 467 29.83 18.94 1.15
C LEU A 467 30.11 20.39 0.79
N ASP A 468 31.00 20.61 -0.18
CA ASP A 468 31.37 21.96 -0.60
C ASP A 468 30.39 22.44 -1.67
N ILE A 469 29.38 23.19 -1.24
CA ILE A 469 28.26 23.50 -2.11
C ILE A 469 28.71 24.43 -3.23
N ARG A 470 29.81 25.18 -3.02
CA ARG A 470 30.40 26.01 -4.06
C ARG A 470 30.70 25.16 -5.29
N THR A 471 31.11 23.89 -5.11
CA THR A 471 31.52 23.04 -6.23
C THR A 471 30.32 22.49 -7.00
N LEU A 472 29.09 22.84 -6.62
CA LEU A 472 27.94 22.49 -7.44
C LEU A 472 27.72 23.49 -8.58
N PHE A 473 28.49 24.59 -8.63
CA PHE A 473 28.40 25.49 -9.77
C PHE A 473 29.77 25.66 -10.40
N SER A 474 29.83 25.84 -11.73
CA SER A 474 31.09 26.14 -12.39
C SER A 474 31.56 27.53 -11.97
N ARG A 475 32.87 27.80 -12.07
CA ARG A 475 33.45 29.08 -11.66
C ARG A 475 32.87 30.15 -12.59
N ALA A 476 32.39 31.25 -11.98
CA ALA A 476 31.89 32.40 -12.72
C ALA A 476 32.97 32.89 -13.69
N SER A 477 32.60 33.09 -14.95
CA SER A 477 33.55 33.68 -15.86
C SER A 477 33.25 35.17 -16.04
N GLY A 478 32.03 35.59 -15.64
CA GLY A 478 31.66 36.99 -15.73
C GLY A 478 30.58 37.36 -14.73
N PRO A 479 30.19 38.65 -14.66
CA PRO A 479 29.24 39.11 -13.66
C PRO A 479 27.84 38.55 -13.88
N GLN A 480 27.55 38.07 -15.10
CA GLN A 480 26.24 37.51 -15.41
C GLN A 480 26.06 36.16 -14.72
N ASP A 481 27.17 35.54 -14.31
CA ASP A 481 27.15 34.31 -13.52
C ASP A 481 26.77 34.55 -12.06
N TYR A 482 26.61 35.82 -11.62
CA TYR A 482 26.12 36.11 -10.27
C TYR A 482 24.78 36.85 -10.34
N ALA A 483 24.02 36.78 -9.25
CA ALA A 483 22.81 37.59 -9.11
C ALA A 483 23.10 38.73 -8.15
N ASN A 484 22.28 39.79 -8.25
CA ASN A 484 22.52 41.06 -7.60
C ASN A 484 22.01 40.96 -6.15
N ILE A 485 22.55 40.00 -5.40
CA ILE A 485 22.19 39.75 -4.01
C ILE A 485 23.48 39.46 -3.23
N PRO A 486 23.45 39.65 -1.89
CA PRO A 486 24.63 39.35 -1.05
C PRO A 486 25.07 37.90 -1.26
N PRO A 487 26.38 37.59 -1.41
CA PRO A 487 27.48 38.58 -1.30
C PRO A 487 28.16 38.96 -2.61
N THR A 488 27.38 39.11 -3.69
CA THR A 488 27.93 39.42 -5.01
C THR A 488 27.17 40.59 -5.64
N ARG A 489 26.64 41.49 -4.79
CA ARG A 489 25.89 42.67 -5.23
C ARG A 489 26.81 43.54 -6.10
N PHE A 490 26.25 44.14 -7.16
CA PHE A 490 27.08 44.89 -8.10
C PHE A 490 27.17 46.31 -7.57
N LYS A 491 28.40 46.78 -7.31
CA LYS A 491 28.63 48.05 -6.61
C LYS A 491 28.19 49.20 -7.54
N PRO B 23 -6.83 7.27 26.51
CA PRO B 23 -8.25 7.14 26.21
C PRO B 23 -8.94 6.07 27.06
N GLU B 24 -9.95 6.47 27.84
CA GLU B 24 -10.75 5.56 28.64
C GLU B 24 -12.24 5.92 28.48
N LEU B 25 -12.89 5.30 27.49
CA LEU B 25 -14.13 5.82 26.92
C LEU B 25 -15.31 5.50 27.84
N PRO B 26 -16.51 6.09 27.61
CA PRO B 26 -17.72 5.68 28.33
C PRO B 26 -18.01 4.17 28.20
N GLY B 27 -18.77 3.62 29.16
CA GLY B 27 -19.31 2.27 29.05
C GLY B 27 -20.78 2.31 28.62
N VAL B 28 -21.35 1.15 28.35
CA VAL B 28 -22.74 1.08 27.95
C VAL B 28 -23.60 1.74 29.02
N THR B 29 -24.53 2.60 28.60
CA THR B 29 -25.42 3.28 29.52
C THR B 29 -26.34 2.26 30.16
N GLU B 30 -27.05 2.71 31.21
CA GLU B 30 -27.85 1.87 32.06
C GLU B 30 -29.18 1.69 31.35
N GLU B 31 -29.59 2.75 30.66
CA GLU B 31 -30.79 2.66 29.83
C GLU B 31 -30.56 1.65 28.70
N ALA B 32 -29.32 1.63 28.16
CA ALA B 32 -28.99 0.64 27.14
C ALA B 32 -29.16 -0.77 27.74
N LEU B 33 -28.60 -0.99 28.94
CA LEU B 33 -28.59 -2.29 29.60
C LEU B 33 -30.00 -2.74 29.97
N ARG B 34 -30.89 -1.76 30.24
CA ARG B 34 -32.27 -2.05 30.61
C ARG B 34 -33.03 -2.55 29.39
N LEU B 35 -32.89 -1.79 28.29
CA LEU B 35 -33.44 -2.16 26.98
C LEU B 35 -32.89 -3.52 26.55
N LYS B 36 -31.56 -3.68 26.66
CA LYS B 36 -30.92 -4.95 26.33
C LYS B 36 -31.64 -6.08 27.04
N GLU B 37 -31.72 -5.98 28.37
CA GLU B 37 -32.23 -7.03 29.22
C GLU B 37 -33.70 -7.29 28.88
N ALA B 38 -34.45 -6.23 28.60
CA ALA B 38 -35.85 -6.35 28.22
C ALA B 38 -35.99 -7.10 26.89
N ALA B 39 -35.06 -6.84 25.95
CA ALA B 39 -35.16 -7.34 24.59
C ALA B 39 -34.81 -8.82 24.50
N LEU B 40 -33.89 -9.30 25.35
CA LEU B 40 -33.55 -10.72 25.45
C LEU B 40 -34.74 -11.56 25.91
N GLU B 41 -35.60 -10.93 26.72
CA GLU B 41 -36.77 -11.57 27.29
C GLU B 41 -37.85 -11.62 26.20
N GLU B 42 -38.02 -10.55 25.44
CA GLU B 42 -38.97 -10.61 24.33
C GLU B 42 -38.53 -11.75 23.41
N LEU B 43 -37.20 -11.93 23.29
CA LEU B 43 -36.55 -12.81 22.32
C LEU B 43 -36.60 -14.28 22.75
N ALA B 44 -36.21 -14.54 24.01
CA ALA B 44 -36.45 -15.83 24.63
C ALA B 44 -37.92 -16.25 24.49
N ALA B 45 -38.84 -15.28 24.59
CA ALA B 45 -40.27 -15.55 24.52
C ALA B 45 -40.68 -16.17 23.18
N GLN B 46 -39.91 -16.01 22.10
CA GLN B 46 -40.42 -16.32 20.76
C GLN B 46 -40.15 -17.77 20.36
N GLU B 47 -40.90 -18.27 19.37
CA GLU B 47 -40.68 -19.62 18.90
C GLU B 47 -39.33 -19.69 18.18
N VAL B 48 -38.50 -20.67 18.57
CA VAL B 48 -37.22 -20.93 17.95
C VAL B 48 -37.45 -21.36 16.51
N THR B 49 -36.75 -20.72 15.54
CA THR B 49 -36.71 -21.21 14.16
C THR B 49 -35.36 -21.87 13.89
N ALA B 50 -35.36 -22.74 12.87
CA ALA B 50 -34.21 -23.58 12.56
C ALA B 50 -33.06 -22.73 12.00
N PRO B 51 -31.83 -22.79 12.57
CA PRO B 51 -30.68 -22.10 11.98
C PRO B 51 -30.53 -22.43 10.48
N LEU B 52 -29.97 -21.49 9.71
CA LEU B 52 -29.57 -21.77 8.34
C LEU B 52 -28.14 -22.31 8.38
N VAL B 53 -27.98 -23.59 8.00
CA VAL B 53 -26.71 -24.28 8.10
C VAL B 53 -26.07 -24.31 6.71
N PRO B 54 -24.80 -23.84 6.63
CA PRO B 54 -24.03 -23.91 5.39
C PRO B 54 -23.32 -25.25 5.27
N LEU B 55 -23.70 -25.98 4.22
CA LEU B 55 -23.08 -27.24 3.86
C LEU B 55 -22.11 -27.05 2.69
N ALA B 56 -20.81 -27.14 2.96
CA ALA B 56 -19.79 -26.95 1.94
C ALA B 56 -19.41 -28.27 1.25
N VAL B 57 -19.33 -28.21 -0.07
CA VAL B 57 -18.80 -29.30 -0.86
C VAL B 57 -17.84 -28.73 -1.87
N SER B 58 -16.67 -29.36 -2.00
CA SER B 58 -15.67 -28.85 -2.93
C SER B 58 -14.81 -29.98 -3.46
N ALA B 59 -14.09 -29.66 -4.54
CA ALA B 59 -13.14 -30.57 -5.16
C ALA B 59 -12.28 -29.77 -6.12
N PHE B 60 -11.34 -30.48 -6.76
CA PHE B 60 -10.40 -29.87 -7.68
C PHE B 60 -11.12 -29.53 -8.97
N LEU B 61 -12.12 -30.35 -9.34
CA LEU B 61 -12.92 -30.16 -10.53
C LEU B 61 -14.40 -30.17 -10.19
N THR B 62 -15.17 -29.33 -10.88
CA THR B 62 -16.61 -29.38 -10.76
C THR B 62 -17.12 -30.80 -10.97
N SER B 63 -16.55 -31.55 -11.92
CA SER B 63 -17.08 -32.87 -12.20
C SER B 63 -17.00 -33.74 -10.95
N ARG B 64 -15.93 -33.58 -10.16
CA ARG B 64 -15.79 -34.36 -8.94
C ARG B 64 -16.63 -33.76 -7.81
N LYS B 65 -16.80 -32.44 -7.80
CA LYS B 65 -17.65 -31.80 -6.82
C LYS B 65 -19.09 -32.33 -6.94
N LYS B 66 -19.58 -32.43 -8.18
CA LYS B 66 -20.93 -32.95 -8.42
C LYS B 66 -21.07 -34.36 -7.86
N ALA B 67 -20.10 -35.24 -8.13
CA ALA B 67 -20.20 -36.61 -7.66
C ALA B 67 -20.19 -36.63 -6.13
N ALA B 68 -19.33 -35.82 -5.50
CA ALA B 68 -19.30 -35.69 -4.04
C ALA B 68 -20.65 -35.22 -3.46
N ALA B 69 -21.29 -34.27 -4.15
CA ALA B 69 -22.57 -33.73 -3.73
C ALA B 69 -23.62 -34.85 -3.75
N ALA B 70 -23.57 -35.68 -4.80
CA ALA B 70 -24.52 -36.77 -4.99
C ALA B 70 -24.31 -37.84 -3.90
N GLU B 71 -23.05 -38.09 -3.57
CA GLU B 71 -22.72 -39.06 -2.53
C GLU B 71 -23.24 -38.56 -1.19
N LEU B 72 -23.08 -37.26 -0.95
CA LEU B 72 -23.50 -36.73 0.33
C LEU B 72 -25.04 -36.73 0.46
N ALA B 73 -25.75 -36.39 -0.61
CA ALA B 73 -27.19 -36.50 -0.65
C ALA B 73 -27.62 -37.94 -0.32
N ASP B 74 -27.01 -38.93 -0.98
CA ASP B 74 -27.40 -40.32 -0.83
C ASP B 74 -27.24 -40.71 0.65
N TRP B 75 -26.16 -40.21 1.26
CA TRP B 75 -25.86 -40.57 2.62
C TRP B 75 -26.86 -39.91 3.57
N MET B 76 -27.28 -38.68 3.21
CA MET B 76 -28.20 -37.94 4.05
C MET B 76 -29.58 -38.58 4.00
N GLN B 77 -29.95 -39.20 2.87
CA GLN B 77 -31.21 -39.93 2.72
C GLN B 77 -31.16 -41.26 3.49
N SER B 78 -29.94 -41.71 3.83
CA SER B 78 -29.74 -42.99 4.48
C SER B 78 -30.02 -42.90 5.98
N PRO B 79 -30.31 -44.05 6.66
CA PRO B 79 -30.62 -44.05 8.09
C PRO B 79 -29.63 -43.25 8.93
N GLU B 80 -28.34 -43.42 8.68
CA GLU B 80 -27.31 -42.78 9.49
C GLU B 80 -27.25 -41.27 9.25
N GLY B 81 -27.44 -40.87 7.99
CA GLY B 81 -27.52 -39.46 7.66
C GLY B 81 -28.76 -38.82 8.28
N GLN B 82 -29.90 -39.49 8.09
CA GLN B 82 -31.18 -39.09 8.68
C GLN B 82 -31.06 -38.83 10.18
N ALA B 83 -30.26 -39.64 10.87
CA ALA B 83 -30.15 -39.50 12.31
C ALA B 83 -29.04 -38.52 12.73
N SER B 84 -28.32 -37.90 11.79
CA SER B 84 -27.28 -36.96 12.17
C SER B 84 -27.83 -35.53 12.11
N SER B 85 -27.42 -34.67 13.06
CA SER B 85 -27.79 -33.26 13.02
C SER B 85 -27.13 -32.55 11.84
N LEU B 86 -27.87 -31.61 11.23
CA LEU B 86 -27.33 -30.74 10.20
C LEU B 86 -26.05 -30.06 10.69
N GLU B 87 -26.06 -29.59 11.93
CA GLU B 87 -24.92 -28.83 12.39
C GLU B 87 -23.66 -29.70 12.32
N SER B 88 -23.79 -30.97 12.74
CA SER B 88 -22.65 -31.86 12.84
C SER B 88 -22.19 -32.25 11.43
N ILE B 89 -23.14 -32.39 10.51
CA ILE B 89 -22.83 -32.58 9.10
C ILE B 89 -22.05 -31.37 8.57
N GLY B 90 -22.52 -30.17 8.88
CA GLY B 90 -21.88 -28.98 8.34
C GLY B 90 -20.48 -28.87 8.90
N ARG B 91 -20.36 -29.21 10.18
CA ARG B 91 -19.09 -29.09 10.87
C ARG B 91 -18.10 -30.08 10.26
N SER B 92 -18.55 -31.31 10.01
CA SER B 92 -17.67 -32.29 9.38
C SER B 92 -17.23 -31.78 8.01
N LEU B 93 -18.15 -31.20 7.25
CA LEU B 93 -17.80 -30.75 5.90
C LEU B 93 -16.79 -29.61 5.94
N SER B 94 -16.86 -28.81 7.02
CA SER B 94 -16.01 -27.64 7.14
C SER B 94 -14.55 -28.05 7.34
N ARG B 95 -14.32 -29.27 7.81
CA ARG B 95 -12.97 -29.72 8.14
C ARG B 95 -12.32 -30.42 6.97
N ARG B 96 -13.05 -30.67 5.88
CA ARG B 96 -12.43 -31.16 4.66
C ARG B 96 -11.54 -30.08 4.07
N ASN B 97 -10.59 -30.53 3.23
CA ASN B 97 -9.84 -29.64 2.36
C ASN B 97 -10.81 -28.92 1.43
N HIS B 98 -10.57 -27.63 1.23
CA HIS B 98 -11.42 -26.79 0.41
C HIS B 98 -10.78 -26.56 -0.96
N GLY B 99 -11.24 -27.33 -1.95
CA GLY B 99 -10.67 -27.28 -3.29
C GLY B 99 -11.12 -26.04 -4.07
N ARG B 100 -10.60 -25.94 -5.29
CA ARG B 100 -10.82 -24.77 -6.13
C ARG B 100 -12.27 -24.69 -6.61
N SER B 101 -12.95 -25.82 -6.82
CA SER B 101 -14.36 -25.79 -7.26
C SER B 101 -15.26 -25.99 -6.05
N ARG B 102 -16.16 -25.04 -5.79
CA ARG B 102 -16.87 -25.07 -4.53
C ARG B 102 -18.37 -24.89 -4.73
N ALA B 103 -19.10 -25.37 -3.71
CA ALA B 103 -20.53 -25.14 -3.56
C ALA B 103 -20.87 -25.07 -2.08
N VAL B 104 -21.94 -24.36 -1.78
CA VAL B 104 -22.54 -24.36 -0.46
C VAL B 104 -24.03 -24.52 -0.66
N VAL B 105 -24.61 -25.48 0.05
CA VAL B 105 -26.06 -25.60 0.18
C VAL B 105 -26.47 -25.01 1.54
N LEU B 106 -27.42 -24.07 1.51
CA LEU B 106 -27.90 -23.43 2.74
C LEU B 106 -29.23 -24.08 3.12
N ALA B 107 -29.24 -24.77 4.28
CA ALA B 107 -30.34 -25.63 4.67
C ALA B 107 -30.75 -25.42 6.13
N HIS B 108 -32.08 -25.44 6.34
CA HIS B 108 -32.69 -25.43 7.66
C HIS B 108 -32.92 -26.86 8.15
N ASP B 109 -33.16 -27.78 7.20
CA ASP B 109 -33.49 -29.17 7.52
C ASP B 109 -32.90 -30.13 6.46
N HIS B 110 -33.04 -31.46 6.69
CA HIS B 110 -32.40 -32.47 5.86
C HIS B 110 -32.96 -32.46 4.44
N ASP B 111 -34.25 -32.15 4.30
CA ASP B 111 -34.90 -32.23 3.00
C ASP B 111 -34.37 -31.13 2.10
N GLU B 112 -34.20 -29.93 2.68
CA GLU B 112 -33.62 -28.82 1.95
C GLU B 112 -32.18 -29.15 1.56
N ALA B 113 -31.41 -29.65 2.53
CA ALA B 113 -30.04 -30.08 2.31
C ALA B 113 -29.95 -30.99 1.08
N ILE B 114 -30.77 -32.04 1.07
CA ILE B 114 -30.76 -33.01 0.00
C ILE B 114 -31.17 -32.34 -1.32
N LYS B 115 -32.27 -31.58 -1.31
CA LYS B 115 -32.75 -30.98 -2.56
C LYS B 115 -31.62 -30.15 -3.15
N GLY B 116 -30.92 -29.39 -2.28
CA GLY B 116 -29.84 -28.52 -2.71
C GLY B 116 -28.63 -29.29 -3.23
N LEU B 117 -28.26 -30.39 -2.55
CA LEU B 117 -27.13 -31.18 -2.97
C LEU B 117 -27.41 -31.78 -4.35
N ARG B 118 -28.67 -32.16 -4.59
CA ARG B 118 -29.07 -32.76 -5.86
C ARG B 118 -28.91 -31.73 -6.95
N ALA B 119 -29.29 -30.50 -6.63
CA ALA B 119 -29.12 -29.37 -7.52
C ALA B 119 -27.64 -29.18 -7.86
N VAL B 120 -26.78 -29.13 -6.84
CA VAL B 120 -25.35 -29.06 -7.07
C VAL B 120 -24.89 -30.19 -8.00
N ALA B 121 -25.31 -31.43 -7.72
CA ALA B 121 -24.89 -32.59 -8.49
C ALA B 121 -25.37 -32.49 -9.95
N ALA B 122 -26.58 -31.96 -10.14
CA ALA B 122 -27.22 -31.88 -11.44
C ALA B 122 -26.77 -30.63 -12.20
N GLY B 123 -26.03 -29.74 -11.52
CA GLY B 123 -25.58 -28.50 -12.12
C GLY B 123 -26.75 -27.54 -12.35
N LYS B 124 -27.83 -27.70 -11.59
CA LYS B 124 -29.01 -26.87 -11.74
C LYS B 124 -28.94 -25.82 -10.63
N GLN B 125 -29.41 -24.63 -10.92
CA GLN B 125 -29.41 -23.56 -9.96
C GLN B 125 -30.60 -23.66 -9.04
N ALA B 126 -30.47 -23.02 -7.86
CA ALA B 126 -31.47 -23.00 -6.83
C ALA B 126 -31.15 -21.88 -5.86
N PRO B 127 -32.17 -21.22 -5.26
CA PRO B 127 -31.90 -20.02 -4.48
C PRO B 127 -30.98 -20.27 -3.29
N ASN B 128 -31.05 -21.47 -2.70
CA ASN B 128 -30.25 -21.75 -1.51
C ASN B 128 -28.92 -22.44 -1.88
N VAL B 129 -28.50 -22.35 -3.14
CA VAL B 129 -27.31 -23.01 -3.61
C VAL B 129 -26.40 -22.01 -4.31
N PHE B 130 -25.15 -21.96 -3.88
CA PHE B 130 -24.12 -21.25 -4.61
C PHE B 130 -23.06 -22.27 -5.05
N SER B 131 -22.63 -22.18 -6.32
CA SER B 131 -21.72 -23.15 -6.92
C SER B 131 -20.92 -22.49 -8.04
N VAL B 132 -19.61 -22.69 -8.05
CA VAL B 132 -18.75 -22.14 -9.08
C VAL B 132 -17.70 -23.18 -9.46
N ASP B 133 -17.18 -23.03 -10.67
CA ASP B 133 -16.25 -23.98 -11.24
C ASP B 133 -14.85 -23.76 -10.69
N GLY B 134 -14.52 -22.52 -10.30
CA GLY B 134 -13.21 -22.19 -9.80
C GLY B 134 -13.20 -20.80 -9.17
N PRO B 135 -12.13 -20.41 -8.45
CA PRO B 135 -12.09 -19.13 -7.77
C PRO B 135 -12.20 -17.96 -8.74
N VAL B 136 -12.84 -16.90 -8.23
CA VAL B 136 -12.80 -15.57 -8.83
C VAL B 136 -11.42 -14.98 -8.56
N THR B 137 -10.84 -14.22 -9.47
CA THR B 137 -9.40 -14.01 -9.36
C THR B 137 -9.05 -12.68 -8.72
N THR B 138 -9.99 -11.73 -8.67
CA THR B 138 -9.80 -10.50 -7.92
C THR B 138 -10.68 -10.54 -6.66
N GLY B 139 -10.16 -9.96 -5.57
CA GLY B 139 -10.86 -9.87 -4.31
C GLY B 139 -12.07 -8.90 -4.34
N PRO B 140 -12.90 -8.94 -3.28
CA PRO B 140 -14.16 -8.20 -3.24
C PRO B 140 -14.00 -6.72 -2.99
N VAL B 141 -14.91 -5.96 -3.59
CA VAL B 141 -15.07 -4.53 -3.33
C VAL B 141 -16.14 -4.44 -2.25
N TRP B 142 -15.78 -3.82 -1.13
CA TRP B 142 -16.77 -3.56 -0.09
C TRP B 142 -17.46 -2.24 -0.41
N VAL B 143 -18.78 -2.29 -0.51
CA VAL B 143 -19.63 -1.14 -0.75
C VAL B 143 -20.17 -0.60 0.57
N LEU B 144 -19.82 0.66 0.88
CA LEU B 144 -20.31 1.36 2.05
C LEU B 144 -21.16 2.55 1.62
N ALA B 145 -22.47 2.38 1.67
CA ALA B 145 -23.41 3.38 1.18
C ALA B 145 -24.24 3.85 2.38
N GLY B 146 -25.58 3.82 2.31
CA GLY B 146 -26.41 4.17 3.45
C GLY B 146 -27.70 4.92 3.08
N PHE B 147 -27.62 5.80 2.09
CA PHE B 147 -28.79 6.53 1.61
C PHE B 147 -29.92 5.51 1.39
N GLY B 148 -31.02 5.72 2.12
CA GLY B 148 -32.26 5.01 1.88
C GLY B 148 -32.37 3.66 2.61
N ALA B 149 -31.40 3.33 3.47
CA ALA B 149 -31.25 1.95 3.91
C ALA B 149 -31.80 1.74 5.31
N GLN B 150 -32.11 2.84 6.01
CA GLN B 150 -32.51 2.79 7.43
C GLN B 150 -33.89 2.16 7.53
N HIS B 151 -34.11 1.50 8.67
CA HIS B 151 -35.42 1.02 9.08
C HIS B 151 -35.36 0.91 10.61
N ARG B 152 -36.52 0.80 11.26
CA ARG B 152 -36.62 1.08 12.69
C ARG B 152 -35.78 0.11 13.50
N LYS B 153 -35.86 -1.19 13.20
CA LYS B 153 -35.21 -2.22 13.99
C LYS B 153 -33.83 -2.63 13.45
N MET B 154 -33.27 -1.86 12.51
CA MET B 154 -32.03 -2.24 11.89
C MET B 154 -30.99 -2.57 12.95
N GLY B 155 -30.44 -3.79 12.87
CA GLY B 155 -29.25 -4.17 13.62
C GLY B 155 -29.53 -4.73 15.00
N LYS B 156 -30.78 -4.74 15.46
CA LYS B 156 -31.10 -5.12 16.83
C LYS B 156 -30.94 -6.64 17.00
N SER B 157 -31.63 -7.40 16.15
CA SER B 157 -31.59 -8.85 16.19
C SER B 157 -30.16 -9.36 16.23
N LEU B 158 -29.29 -8.74 15.42
CA LEU B 158 -27.93 -9.24 15.26
C LEU B 158 -27.12 -8.83 16.48
N TYR B 159 -27.45 -7.67 17.04
CA TYR B 159 -26.74 -7.17 18.21
C TYR B 159 -26.98 -8.14 19.37
N LEU B 160 -28.20 -8.67 19.45
CA LEU B 160 -28.63 -9.50 20.55
C LEU B 160 -28.01 -10.89 20.43
N ARG B 161 -27.87 -11.38 19.19
CA ARG B 161 -27.59 -12.78 18.90
C ARG B 161 -26.16 -13.03 18.43
N ASN B 162 -25.31 -12.01 18.30
CA ASN B 162 -23.95 -12.24 17.83
C ASN B 162 -22.98 -11.40 18.62
N GLU B 163 -22.13 -12.07 19.40
CA GLU B 163 -21.30 -11.40 20.37
C GLU B 163 -20.29 -10.52 19.66
N VAL B 164 -19.77 -10.98 18.51
CA VAL B 164 -18.70 -10.26 17.84
C VAL B 164 -19.25 -8.95 17.28
N PHE B 165 -20.41 -9.02 16.63
CA PHE B 165 -21.10 -7.83 16.15
C PHE B 165 -21.36 -6.86 17.30
N ALA B 166 -22.07 -7.35 18.34
CA ALA B 166 -22.38 -6.57 19.54
C ALA B 166 -21.14 -5.87 20.09
N ALA B 167 -19.99 -6.57 20.15
CA ALA B 167 -18.79 -5.97 20.71
C ALA B 167 -18.44 -4.70 19.95
N TRP B 168 -18.59 -4.77 18.61
CA TRP B 168 -18.17 -3.66 17.76
C TRP B 168 -19.23 -2.56 17.78
N ILE B 169 -20.50 -2.92 17.85
CA ILE B 169 -21.52 -1.92 18.04
C ILE B 169 -21.15 -1.10 19.27
N GLU B 170 -20.69 -1.76 20.34
CA GLU B 170 -20.41 -1.05 21.58
C GLU B 170 -19.17 -0.20 21.42
N LYS B 171 -18.13 -0.71 20.74
CA LYS B 171 -16.91 0.06 20.55
C LYS B 171 -17.34 1.41 19.95
N VAL B 172 -18.35 1.39 19.06
CA VAL B 172 -18.71 2.57 18.28
C VAL B 172 -19.69 3.43 19.09
N ASP B 173 -20.63 2.78 19.78
CA ASP B 173 -21.54 3.42 20.71
C ASP B 173 -20.78 4.26 21.74
N ALA B 174 -19.71 3.69 22.30
CA ALA B 174 -18.87 4.39 23.25
C ALA B 174 -18.25 5.64 22.62
N LEU B 175 -17.77 5.50 21.38
CA LEU B 175 -17.06 6.56 20.69
C LEU B 175 -17.96 7.74 20.35
N VAL B 176 -19.23 7.43 20.02
CA VAL B 176 -20.21 8.41 19.63
C VAL B 176 -20.75 9.09 20.89
N GLN B 177 -20.99 8.31 21.96
CA GLN B 177 -21.22 8.87 23.29
C GLN B 177 -20.17 9.94 23.61
N ASP B 178 -18.89 9.62 23.45
CA ASP B 178 -17.83 10.57 23.73
C ASP B 178 -17.92 11.80 22.82
N GLU B 179 -18.48 11.66 21.61
CA GLU B 179 -18.38 12.73 20.62
C GLU B 179 -19.65 13.57 20.62
N LEU B 180 -20.82 12.98 20.84
CA LEU B 180 -22.08 13.69 20.66
C LEU B 180 -22.97 13.56 21.89
N GLY B 181 -22.58 12.70 22.85
CA GLY B 181 -23.22 12.62 24.16
C GLY B 181 -24.58 11.93 24.13
N TYR B 182 -24.77 10.95 23.25
CA TYR B 182 -25.90 10.03 23.40
C TYR B 182 -25.48 8.65 22.88
N SER B 183 -26.37 7.68 23.05
CA SER B 183 -26.09 6.29 22.79
C SER B 183 -26.83 5.82 21.55
N VAL B 184 -26.08 5.42 20.50
CA VAL B 184 -26.72 4.84 19.33
C VAL B 184 -27.31 3.48 19.72
N LEU B 185 -26.73 2.80 20.72
CA LEU B 185 -27.22 1.48 21.10
C LEU B 185 -28.62 1.58 21.71
N GLU B 186 -28.88 2.68 22.46
CA GLU B 186 -30.20 2.92 23.02
C GLU B 186 -31.18 2.99 21.85
N LEU B 187 -30.76 3.67 20.77
CA LEU B 187 -31.57 3.81 19.56
C LEU B 187 -31.87 2.46 18.91
N ILE B 188 -30.85 1.60 18.81
CA ILE B 188 -31.03 0.29 18.19
C ILE B 188 -32.02 -0.55 18.98
N LEU B 189 -31.91 -0.51 20.32
CA LEU B 189 -32.64 -1.45 21.17
C LEU B 189 -34.08 -1.00 21.39
N ASP B 190 -34.33 0.31 21.23
CA ASP B 190 -35.60 0.92 21.64
C ASP B 190 -36.55 0.99 20.46
N ASP B 191 -37.47 0.03 20.38
CA ASP B 191 -38.42 -0.01 19.28
C ASP B 191 -39.26 1.26 19.19
N ALA B 192 -39.37 2.01 20.31
CA ALA B 192 -40.14 3.24 20.32
C ALA B 192 -39.51 4.28 19.41
N GLN B 193 -38.18 4.47 19.52
CA GLN B 193 -37.46 5.52 18.81
C GLN B 193 -37.29 5.18 17.33
N ASP B 194 -37.38 6.19 16.46
CA ASP B 194 -36.99 6.07 15.07
C ASP B 194 -35.86 7.07 14.81
N TYR B 195 -35.30 7.07 13.58
CA TYR B 195 -34.04 7.75 13.29
C TYR B 195 -34.33 9.09 12.60
N GLY B 196 -33.42 10.06 12.70
CA GLY B 196 -33.54 11.31 11.96
C GLY B 196 -32.27 11.63 11.20
N ILE B 197 -32.19 12.87 10.70
CA ILE B 197 -31.16 13.23 9.75
C ILE B 197 -29.81 12.84 10.33
N GLU B 198 -29.64 13.07 11.64
CA GLU B 198 -28.36 12.89 12.31
C GLU B 198 -28.18 11.42 12.74
N THR B 199 -29.16 10.88 13.46
CA THR B 199 -29.00 9.61 14.13
C THR B 199 -28.95 8.50 13.08
N THR B 200 -29.61 8.71 11.94
CA THR B 200 -29.60 7.74 10.85
C THR B 200 -28.15 7.47 10.49
N GLN B 201 -27.41 8.55 10.35
CA GLN B 201 -26.11 8.44 9.72
C GLN B 201 -25.16 7.73 10.67
N VAL B 202 -25.19 8.10 11.97
CA VAL B 202 -24.21 7.60 12.91
C VAL B 202 -24.53 6.14 13.21
N THR B 203 -25.83 5.80 13.19
CA THR B 203 -26.26 4.44 13.47
C THR B 203 -25.87 3.52 12.31
N ILE B 204 -26.14 3.95 11.08
CA ILE B 204 -25.78 3.15 9.92
C ILE B 204 -24.27 2.92 9.92
N PHE B 205 -23.55 3.98 10.23
CA PHE B 205 -22.11 3.87 10.37
C PHE B 205 -21.74 2.74 11.34
N ALA B 206 -22.44 2.70 12.47
CA ALA B 206 -22.09 1.74 13.50
C ALA B 206 -22.31 0.34 12.94
N ILE B 207 -23.48 0.13 12.34
CA ILE B 207 -23.81 -1.17 11.78
C ILE B 207 -22.80 -1.57 10.70
N GLN B 208 -22.21 -0.59 10.00
CA GLN B 208 -21.30 -0.84 8.90
C GLN B 208 -19.98 -1.33 9.48
N ILE B 209 -19.55 -0.65 10.53
CA ILE B 209 -18.29 -0.97 11.18
C ILE B 209 -18.35 -2.37 11.77
N ALA B 210 -19.48 -2.70 12.35
CA ALA B 210 -19.62 -3.93 13.09
C ALA B 210 -19.80 -5.09 12.12
N LEU B 211 -20.56 -4.87 11.05
CA LEU B 211 -20.71 -5.89 10.01
C LEU B 211 -19.34 -6.23 9.40
N GLY B 212 -18.54 -5.23 9.13
CA GLY B 212 -17.28 -5.48 8.50
C GLY B 212 -16.28 -6.17 9.44
N GLU B 213 -16.39 -5.87 10.73
CA GLU B 213 -15.43 -6.42 11.67
C GLU B 213 -15.83 -7.87 11.96
N LEU B 214 -17.13 -8.14 11.91
CA LEU B 214 -17.64 -9.49 11.95
C LEU B 214 -17.07 -10.31 10.79
N LEU B 215 -17.08 -9.76 9.58
CA LEU B 215 -16.54 -10.51 8.46
C LEU B 215 -15.04 -10.73 8.66
N ARG B 216 -14.34 -9.72 9.19
CA ARG B 216 -12.89 -9.80 9.38
C ARG B 216 -12.57 -10.92 10.36
N HIS B 217 -13.36 -11.01 11.43
CA HIS B 217 -13.28 -12.06 12.42
C HIS B 217 -13.38 -13.46 11.77
N HIS B 218 -14.17 -13.63 10.71
CA HIS B 218 -14.33 -14.92 10.08
C HIS B 218 -13.36 -15.13 8.91
N GLY B 219 -12.44 -14.18 8.72
CA GLY B 219 -11.34 -14.30 7.78
C GLY B 219 -11.46 -13.40 6.53
N ALA B 220 -12.54 -12.61 6.41
CA ALA B 220 -12.72 -11.84 5.18
C ALA B 220 -11.94 -10.52 5.24
N LYS B 221 -11.61 -10.01 4.07
CA LYS B 221 -10.98 -8.72 3.93
C LYS B 221 -11.49 -8.10 2.62
N PRO B 222 -11.52 -6.76 2.53
CA PRO B 222 -11.77 -6.09 1.25
C PRO B 222 -10.47 -6.09 0.45
N ALA B 223 -10.59 -6.29 -0.86
CA ALA B 223 -9.51 -5.95 -1.78
C ALA B 223 -9.58 -4.47 -2.15
N ALA B 224 -10.82 -3.94 -2.20
CA ALA B 224 -11.02 -2.52 -2.39
C ALA B 224 -12.32 -2.11 -1.71
N VAL B 225 -12.45 -0.80 -1.46
CA VAL B 225 -13.68 -0.23 -0.94
C VAL B 225 -14.19 0.83 -1.88
N ILE B 226 -15.50 1.04 -1.82
CA ILE B 226 -16.13 2.17 -2.49
C ILE B 226 -17.19 2.70 -1.53
N GLY B 227 -17.19 4.03 -1.37
CA GLY B 227 -18.18 4.69 -0.55
C GLY B 227 -19.24 5.42 -1.37
N GLN B 228 -20.34 5.71 -0.69
CA GLN B 228 -21.37 6.56 -1.24
C GLN B 228 -21.94 7.42 -0.11
N SER B 229 -21.63 8.74 -0.15
CA SER B 229 -22.17 9.76 0.75
C SER B 229 -21.82 9.39 2.20
N LEU B 230 -22.84 9.12 3.00
CA LEU B 230 -22.70 8.81 4.41
C LEU B 230 -21.70 7.66 4.69
N GLY B 231 -21.67 6.68 3.77
CA GLY B 231 -20.84 5.49 3.88
C GLY B 231 -19.36 5.81 3.71
N GLU B 232 -19.04 7.03 3.29
CA GLU B 232 -17.64 7.38 3.03
C GLU B 232 -16.78 7.16 4.27
N ALA B 233 -17.31 7.52 5.44
CA ALA B 233 -16.57 7.42 6.70
C ALA B 233 -16.13 5.97 6.98
N ALA B 234 -17.08 5.02 6.94
CA ALA B 234 -16.76 3.63 7.21
C ALA B 234 -15.80 3.10 6.14
N SER B 235 -15.92 3.61 4.92
CA SER B 235 -15.09 3.14 3.82
C SER B 235 -13.65 3.53 4.08
N ALA B 236 -13.46 4.68 4.74
CA ALA B 236 -12.12 5.14 5.05
C ALA B 236 -11.50 4.23 6.12
N TYR B 237 -12.31 3.82 7.09
CA TYR B 237 -11.83 2.91 8.12
C TYR B 237 -11.35 1.60 7.45
N PHE B 238 -12.23 0.92 6.71
CA PHE B 238 -11.88 -0.37 6.16
C PHE B 238 -10.73 -0.28 5.16
N ALA B 239 -10.47 0.90 4.60
CA ALA B 239 -9.33 1.07 3.72
C ALA B 239 -8.07 1.46 4.49
N GLY B 240 -8.12 1.47 5.82
CA GLY B 240 -6.97 1.86 6.64
C GLY B 240 -6.59 3.32 6.47
N GLY B 241 -7.59 4.17 6.20
CA GLY B 241 -7.36 5.59 5.90
C GLY B 241 -7.42 6.47 7.15
N LEU B 242 -8.20 6.02 8.15
CA LEU B 242 -8.44 6.69 9.41
C LEU B 242 -8.61 5.61 10.47
N SER B 243 -8.05 5.86 11.65
CA SER B 243 -8.42 5.09 12.82
C SER B 243 -9.94 5.03 12.94
N LEU B 244 -10.44 4.11 13.78
CA LEU B 244 -11.88 4.09 14.03
C LEU B 244 -12.35 5.40 14.67
N ARG B 245 -11.48 6.02 15.46
CA ARG B 245 -11.78 7.23 16.19
C ARG B 245 -12.02 8.35 15.19
N ASP B 246 -11.10 8.49 14.25
CA ASP B 246 -11.17 9.56 13.28
C ASP B 246 -12.29 9.33 12.28
N ALA B 247 -12.56 8.07 11.92
CA ALA B 247 -13.69 7.74 11.09
C ALA B 247 -14.98 8.14 11.80
N THR B 248 -15.01 7.90 13.11
CA THR B 248 -16.18 8.27 13.89
C THR B 248 -16.27 9.80 13.98
N ARG B 249 -15.15 10.50 13.97
CA ARG B 249 -15.18 11.96 13.97
C ARG B 249 -15.80 12.44 12.66
N ALA B 250 -15.36 11.84 11.53
CA ALA B 250 -15.82 12.25 10.21
C ALA B 250 -17.33 12.14 10.13
N ILE B 251 -17.89 11.03 10.60
CA ILE B 251 -19.33 10.84 10.47
C ILE B 251 -20.09 11.72 11.48
N CYS B 252 -19.62 11.82 12.73
CA CYS B 252 -20.28 12.62 13.75
C CYS B 252 -20.40 14.10 13.36
N SER B 253 -19.28 14.68 12.94
CA SER B 253 -19.24 16.03 12.41
C SER B 253 -20.32 16.23 11.37
N ARG B 254 -20.20 15.49 10.27
CA ARG B 254 -21.07 15.68 9.13
C ARG B 254 -22.51 15.50 9.58
N SER B 255 -22.74 14.58 10.51
CA SER B 255 -24.10 14.22 10.92
C SER B 255 -24.78 15.33 11.71
N HIS B 256 -24.14 15.82 12.80
CA HIS B 256 -24.82 16.80 13.65
C HIS B 256 -24.81 18.16 12.94
N LEU B 257 -23.77 18.49 12.15
CA LEU B 257 -23.80 19.70 11.35
C LEU B 257 -25.00 19.69 10.38
N MET B 258 -25.30 18.54 9.77
CA MET B 258 -26.40 18.50 8.84
C MET B 258 -27.71 18.68 9.61
N GLY B 259 -27.80 18.00 10.76
CA GLY B 259 -29.02 18.04 11.55
C GLY B 259 -29.29 19.46 12.06
N GLU B 260 -28.25 20.17 12.50
CA GLU B 260 -28.40 21.47 13.13
C GLU B 260 -28.65 22.50 12.05
N GLY B 261 -28.13 22.23 10.85
CA GLY B 261 -28.21 23.12 9.71
C GLY B 261 -29.65 23.29 9.21
N GLU B 262 -30.50 22.30 9.53
CA GLU B 262 -31.91 22.34 9.16
C GLU B 262 -32.76 23.31 9.99
N ALA B 263 -32.19 23.88 11.06
CA ALA B 263 -32.91 24.84 11.88
C ALA B 263 -33.00 26.18 11.16
N MET B 264 -32.15 26.37 10.13
CA MET B 264 -32.18 27.57 9.30
C MET B 264 -33.15 27.41 8.14
N LEU B 265 -33.84 26.25 8.01
CA LEU B 265 -34.46 25.88 6.75
C LEU B 265 -35.98 25.74 6.86
N PHE B 266 -36.68 26.50 6.03
CA PHE B 266 -38.14 26.52 5.97
C PHE B 266 -38.51 27.07 4.61
N GLY B 267 -39.78 26.85 4.23
CA GLY B 267 -40.33 27.54 3.08
C GLY B 267 -39.52 27.27 1.82
N GLU B 268 -39.05 28.31 1.14
CA GLU B 268 -38.52 28.06 -0.19
C GLU B 268 -37.21 27.28 -0.06
N TYR B 269 -36.57 27.31 1.11
CA TYR B 269 -35.25 26.73 1.28
C TYR B 269 -35.30 25.19 1.41
N ILE B 270 -36.45 24.60 1.72
CA ILE B 270 -36.55 23.18 1.91
C ILE B 270 -36.19 22.47 0.60
N ARG B 271 -35.39 21.41 0.74
CA ARG B 271 -35.09 20.46 -0.32
C ARG B 271 -35.23 19.05 0.22
N LEU B 272 -36.15 18.30 -0.40
CA LEU B 272 -36.26 16.85 -0.29
C LEU B 272 -35.14 16.19 -1.09
N MET B 273 -34.72 15.00 -0.62
CA MET B 273 -33.89 14.11 -1.42
C MET B 273 -34.70 12.89 -1.81
N ALA B 274 -34.37 12.33 -2.97
CA ALA B 274 -35.08 11.15 -3.44
C ALA B 274 -34.18 10.31 -4.33
N LEU B 275 -34.44 9.01 -4.33
CA LEU B 275 -33.81 8.10 -5.27
C LEU B 275 -34.84 7.82 -6.35
N VAL B 276 -34.52 8.11 -7.61
CA VAL B 276 -35.47 7.92 -8.69
C VAL B 276 -34.78 7.16 -9.83
N GLU B 277 -35.56 6.36 -10.55
CA GLU B 277 -35.10 5.57 -11.70
C GLU B 277 -35.10 6.45 -12.94
N TYR B 278 -34.27 7.51 -12.91
CA TYR B 278 -34.06 8.40 -14.02
C TYR B 278 -32.58 8.69 -14.06
N SER B 279 -32.04 8.81 -15.28
CA SER B 279 -30.63 9.13 -15.47
C SER B 279 -30.40 10.59 -15.12
N ALA B 280 -29.12 10.95 -14.92
CA ALA B 280 -28.75 12.34 -14.77
C ALA B 280 -29.24 13.15 -15.95
N ASP B 281 -29.03 12.63 -17.17
CA ASP B 281 -29.44 13.29 -18.42
C ASP B 281 -30.95 13.48 -18.46
N GLU B 282 -31.73 12.43 -18.17
CA GLU B 282 -33.17 12.58 -18.04
C GLU B 282 -33.55 13.70 -17.06
N ILE B 283 -32.84 13.85 -15.93
CA ILE B 283 -33.26 14.81 -14.91
C ILE B 283 -33.07 16.22 -15.47
N ARG B 284 -31.95 16.44 -16.14
CA ARG B 284 -31.61 17.70 -16.77
C ARG B 284 -32.49 17.98 -18.00
N GLU B 285 -32.60 17.00 -18.91
CA GLU B 285 -33.25 17.17 -20.20
C GLU B 285 -34.76 16.96 -20.03
N VAL B 286 -35.19 15.72 -19.80
CA VAL B 286 -36.61 15.37 -19.71
C VAL B 286 -37.36 16.18 -18.62
N PHE B 287 -36.69 16.92 -17.72
CA PHE B 287 -37.43 17.63 -16.67
C PHE B 287 -36.87 19.03 -16.42
N SER B 288 -36.27 19.65 -17.44
CA SER B 288 -35.82 21.03 -17.36
C SER B 288 -36.92 22.01 -16.92
N ASP B 289 -38.20 21.76 -17.28
CA ASP B 289 -39.35 22.39 -16.66
C ASP B 289 -39.16 22.66 -15.17
N PHE B 290 -38.68 21.63 -14.44
CA PHE B 290 -38.43 21.70 -13.01
C PHE B 290 -36.98 22.08 -12.71
N PRO B 291 -36.65 23.38 -12.63
CA PRO B 291 -35.23 23.78 -12.70
C PRO B 291 -34.39 23.67 -11.43
N ASP B 292 -35.04 23.36 -10.28
CA ASP B 292 -34.34 23.33 -9.01
C ASP B 292 -34.03 21.92 -8.51
N LEU B 293 -34.26 20.91 -9.38
CA LEU B 293 -33.70 19.59 -9.20
C LEU B 293 -32.19 19.67 -9.37
N GLU B 294 -31.45 19.07 -8.43
CA GLU B 294 -30.03 18.87 -8.58
C GLU B 294 -29.70 17.38 -8.47
N VAL B 295 -28.60 16.99 -9.10
CA VAL B 295 -28.11 15.63 -9.02
C VAL B 295 -27.14 15.55 -7.85
N CYS B 296 -27.46 14.67 -6.90
CA CYS B 296 -26.66 14.50 -5.70
C CYS B 296 -25.73 13.29 -5.86
N VAL B 297 -26.31 12.13 -6.23
CA VAL B 297 -25.52 10.94 -6.42
C VAL B 297 -25.81 10.37 -7.80
N TYR B 298 -24.75 10.16 -8.59
CA TYR B 298 -24.91 9.37 -9.79
C TYR B 298 -24.85 7.92 -9.33
N ALA B 299 -26.02 7.32 -9.15
CA ALA B 299 -26.13 6.05 -8.44
C ALA B 299 -25.94 4.89 -9.42
N ALA B 300 -26.63 4.96 -10.56
CA ALA B 300 -26.58 3.96 -11.60
C ALA B 300 -26.84 4.63 -12.93
N PRO B 301 -26.69 3.96 -14.10
CA PRO B 301 -26.92 4.66 -15.36
C PRO B 301 -28.35 5.17 -15.46
N THR B 302 -29.34 4.42 -14.95
CA THR B 302 -30.74 4.82 -14.98
C THR B 302 -31.27 5.15 -13.58
N GLN B 303 -30.41 5.56 -12.64
CA GLN B 303 -30.86 5.77 -11.27
C GLN B 303 -30.10 6.93 -10.63
N THR B 304 -30.81 7.90 -10.04
CA THR B 304 -30.16 9.08 -9.50
C THR B 304 -30.71 9.41 -8.11
N VAL B 305 -29.83 9.91 -7.24
CA VAL B 305 -30.27 10.59 -6.04
C VAL B 305 -30.30 12.09 -6.36
N ILE B 306 -31.50 12.67 -6.25
CA ILE B 306 -31.72 14.07 -6.58
C ILE B 306 -32.07 14.84 -5.33
N GLY B 307 -31.79 16.14 -5.38
CA GLY B 307 -32.31 17.10 -4.43
C GLY B 307 -33.24 18.10 -5.12
N GLY B 308 -34.33 18.46 -4.45
CA GLY B 308 -35.16 19.51 -4.98
C GLY B 308 -36.21 19.97 -3.99
N PRO B 309 -36.91 21.07 -4.30
CA PRO B 309 -38.07 21.51 -3.52
C PRO B 309 -39.14 20.44 -3.49
N PRO B 310 -39.97 20.40 -2.43
CA PRO B 310 -41.06 19.42 -2.37
C PRO B 310 -41.97 19.31 -3.58
N GLU B 311 -42.43 20.44 -4.15
CA GLU B 311 -43.39 20.36 -5.25
C GLU B 311 -42.72 19.61 -6.42
N GLN B 312 -41.48 20.02 -6.74
CA GLN B 312 -40.76 19.48 -7.88
C GLN B 312 -40.45 17.98 -7.67
N VAL B 313 -39.99 17.62 -6.48
CA VAL B 313 -39.63 16.25 -6.20
C VAL B 313 -40.88 15.37 -6.24
N ASP B 314 -42.02 15.90 -5.77
CA ASP B 314 -43.26 15.12 -5.72
C ASP B 314 -43.82 14.96 -7.12
N ALA B 315 -43.49 15.92 -8.00
CA ALA B 315 -43.79 15.81 -9.43
C ALA B 315 -43.03 14.66 -10.06
N ILE B 316 -41.72 14.61 -9.82
CA ILE B 316 -40.85 13.57 -10.35
C ILE B 316 -41.30 12.18 -9.90
N LEU B 317 -41.62 12.03 -8.60
CA LEU B 317 -42.21 10.81 -8.08
C LEU B 317 -43.52 10.45 -8.80
N ALA B 318 -44.33 11.47 -9.15
CA ALA B 318 -45.62 11.23 -9.79
C ALA B 318 -45.43 10.63 -11.19
N ARG B 319 -44.54 11.26 -11.97
CA ARG B 319 -44.25 10.81 -13.32
C ARG B 319 -43.62 9.43 -13.31
N ALA B 320 -42.89 9.10 -12.23
CA ALA B 320 -42.30 7.78 -12.08
C ALA B 320 -43.36 6.72 -11.75
N GLU B 321 -44.35 7.01 -10.87
CA GLU B 321 -45.39 6.02 -10.58
C GLU B 321 -46.15 5.73 -11.86
N ALA B 322 -46.38 6.81 -12.64
CA ALA B 322 -47.05 6.78 -13.94
C ALA B 322 -46.28 5.97 -14.99
N GLU B 323 -44.94 6.02 -14.98
CA GLU B 323 -44.14 5.30 -15.96
C GLU B 323 -43.77 3.89 -15.47
N GLY B 324 -44.14 3.56 -14.21
CA GLY B 324 -43.79 2.27 -13.61
C GLY B 324 -42.31 2.14 -13.23
N LYS B 325 -41.64 3.29 -13.03
CA LYS B 325 -40.25 3.35 -12.59
C LYS B 325 -40.20 3.60 -11.08
N PHE B 326 -39.13 3.12 -10.42
CA PHE B 326 -39.00 3.20 -8.96
C PHE B 326 -38.67 4.63 -8.50
N ALA B 327 -39.02 4.94 -7.25
CA ALA B 327 -38.86 6.28 -6.67
C ALA B 327 -39.21 6.26 -5.20
N ARG B 328 -38.19 6.48 -4.33
CA ARG B 328 -38.33 6.64 -2.89
C ARG B 328 -37.91 8.08 -2.52
N LYS B 329 -38.72 8.71 -1.66
CA LYS B 329 -38.51 10.05 -1.14
C LYS B 329 -37.93 9.97 0.28
N PHE B 330 -37.26 11.03 0.75
CA PHE B 330 -36.72 11.03 2.11
C PHE B 330 -36.84 12.43 2.71
N ALA B 331 -37.30 12.48 3.96
CA ALA B 331 -37.73 13.74 4.57
C ALA B 331 -36.53 14.48 5.15
N THR B 332 -35.66 14.97 4.27
CA THR B 332 -34.68 15.96 4.65
C THR B 332 -35.28 17.34 4.41
N LYS B 333 -34.52 18.36 4.72
CA LYS B 333 -34.86 19.74 4.42
C LYS B 333 -33.64 20.40 3.79
N GLY B 334 -32.46 19.88 4.13
CA GLY B 334 -31.20 20.13 3.44
C GLY B 334 -30.80 18.93 2.60
N ALA B 335 -30.15 19.20 1.47
CA ALA B 335 -29.66 18.15 0.60
C ALA B 335 -28.13 18.14 0.70
N SER B 336 -27.57 17.03 1.15
CA SER B 336 -26.16 16.76 0.99
C SER B 336 -25.83 16.92 -0.49
N HIS B 337 -24.56 17.20 -0.76
CA HIS B 337 -24.02 17.30 -2.11
C HIS B 337 -24.60 18.49 -2.87
N THR B 338 -25.04 19.55 -2.17
CA THR B 338 -25.51 20.77 -2.81
C THR B 338 -24.93 21.98 -2.07
N SER B 339 -25.21 23.19 -2.57
CA SER B 339 -24.68 24.43 -1.98
C SER B 339 -25.30 24.69 -0.61
N GLN B 340 -26.37 23.94 -0.30
CA GLN B 340 -26.92 23.99 1.03
C GLN B 340 -25.93 23.56 2.10
N MET B 341 -24.87 22.83 1.72
CA MET B 341 -23.84 22.41 2.65
C MET B 341 -22.79 23.50 2.89
N ASP B 342 -22.75 24.55 2.03
CA ASP B 342 -21.82 25.67 2.19
C ASP B 342 -21.82 26.23 3.62
N PRO B 343 -22.98 26.57 4.24
CA PRO B 343 -22.94 27.15 5.59
C PRO B 343 -22.23 26.26 6.62
N LEU B 344 -22.05 24.96 6.31
CA LEU B 344 -21.56 23.96 7.25
C LEU B 344 -20.05 23.73 7.14
N LEU B 345 -19.43 24.11 6.03
CA LEU B 345 -18.06 23.69 5.76
C LEU B 345 -17.08 24.29 6.76
N GLY B 346 -17.38 25.50 7.26
CA GLY B 346 -16.51 26.20 8.19
C GLY B 346 -16.37 25.44 9.51
N GLU B 347 -17.52 25.06 10.10
CA GLU B 347 -17.53 24.30 11.36
C GLU B 347 -16.92 22.90 11.14
N LEU B 348 -17.23 22.26 10.00
CA LEU B 348 -16.70 20.95 9.66
C LEU B 348 -15.18 21.02 9.62
N THR B 349 -14.62 22.00 8.92
CA THR B 349 -13.19 22.24 8.94
C THR B 349 -12.65 22.30 10.38
N ALA B 350 -13.35 22.99 11.28
CA ALA B 350 -12.81 23.19 12.62
C ALA B 350 -12.92 21.93 13.47
N GLU B 351 -14.02 21.19 13.29
CA GLU B 351 -14.30 20.02 14.11
C GLU B 351 -13.37 18.85 13.74
N LEU B 352 -12.74 18.88 12.55
CA LEU B 352 -11.95 17.78 12.05
C LEU B 352 -10.48 18.16 12.03
N GLN B 353 -10.10 19.17 12.82
CA GLN B 353 -8.69 19.51 12.96
C GLN B 353 -8.04 18.42 13.82
N GLY B 354 -6.97 17.82 13.28
CA GLY B 354 -6.23 16.80 14.02
C GLY B 354 -6.78 15.37 13.86
N ILE B 355 -7.52 15.09 12.78
CA ILE B 355 -7.70 13.70 12.34
C ILE B 355 -6.38 13.30 11.72
N LYS B 356 -6.04 11.99 11.81
CA LYS B 356 -4.75 11.51 11.36
C LYS B 356 -4.92 10.59 10.14
N PRO B 357 -4.95 11.19 8.93
CA PRO B 357 -5.10 10.42 7.70
C PRO B 357 -3.90 9.51 7.58
N THR B 358 -4.16 8.23 7.28
CA THR B 358 -3.10 7.24 7.11
C THR B 358 -3.16 6.70 5.70
N SER B 359 -2.00 6.28 5.20
CA SER B 359 -1.85 5.62 3.91
C SER B 359 -2.76 4.41 3.84
N PRO B 360 -3.67 4.36 2.85
CA PRO B 360 -4.66 3.28 2.77
C PRO B 360 -4.00 1.93 2.51
N THR B 361 -4.57 0.89 3.11
CA THR B 361 -4.03 -0.47 3.05
C THR B 361 -4.81 -1.35 2.08
N CYS B 362 -5.89 -0.85 1.48
CA CYS B 362 -6.48 -1.51 0.33
C CYS B 362 -6.84 -0.43 -0.67
N GLY B 363 -7.33 -0.84 -1.84
CA GLY B 363 -7.65 0.13 -2.88
C GLY B 363 -8.96 0.84 -2.60
N ILE B 364 -9.11 2.03 -3.22
CA ILE B 364 -10.27 2.88 -3.04
C ILE B 364 -10.76 3.34 -4.42
N PHE B 365 -12.03 3.05 -4.72
CA PHE B 365 -12.76 3.72 -5.79
C PHE B 365 -13.43 4.94 -5.15
N SER B 366 -12.72 6.07 -5.17
CA SER B 366 -13.18 7.27 -4.48
C SER B 366 -14.25 7.99 -5.29
N THR B 367 -15.49 7.99 -4.76
CA THR B 367 -16.62 8.64 -5.40
C THR B 367 -16.65 10.14 -5.07
N VAL B 368 -15.74 10.57 -4.18
CA VAL B 368 -15.48 11.99 -3.99
C VAL B 368 -14.62 12.54 -5.13
N HIS B 369 -13.53 11.84 -5.45
CA HIS B 369 -12.62 12.22 -6.53
C HIS B 369 -13.06 11.56 -7.83
N GLU B 370 -14.34 11.75 -8.19
CA GLU B 370 -14.87 11.49 -9.51
C GLU B 370 -14.85 10.00 -9.86
N GLY B 371 -14.74 9.10 -8.87
CA GLY B 371 -14.82 7.68 -9.14
C GLY B 371 -13.44 7.02 -9.38
N ARG B 372 -12.34 7.78 -9.24
CA ARG B 372 -11.01 7.35 -9.63
C ARG B 372 -10.50 6.27 -8.68
N TYR B 373 -9.69 5.32 -9.21
CA TYR B 373 -9.04 4.30 -8.40
C TYR B 373 -7.79 4.88 -7.78
N ILE B 374 -7.54 4.53 -6.53
CA ILE B 374 -6.34 4.89 -5.79
C ILE B 374 -5.68 3.60 -5.30
N LYS B 375 -4.49 3.30 -5.85
CA LYS B 375 -3.69 2.18 -5.39
C LYS B 375 -3.48 2.34 -3.89
N PRO B 376 -3.41 1.22 -3.15
CA PRO B 376 -3.03 1.25 -1.74
C PRO B 376 -1.57 1.69 -1.58
N GLY B 377 -1.24 2.17 -0.38
CA GLY B 377 0.13 2.48 0.00
C GLY B 377 0.58 3.86 -0.47
N GLY B 378 -0.36 4.75 -0.83
CA GLY B 378 0.00 6.04 -1.38
C GLY B 378 0.04 7.11 -0.29
N GLU B 379 0.04 8.39 -0.71
CA GLU B 379 -0.17 9.51 0.20
C GLU B 379 -1.53 9.30 0.85
N PRO B 380 -1.71 9.61 2.15
CA PRO B 380 -3.05 9.57 2.76
C PRO B 380 -3.97 10.44 1.93
N ILE B 381 -5.28 10.12 1.90
CA ILE B 381 -6.20 10.91 1.10
C ILE B 381 -7.31 11.50 1.96
N HIS B 382 -7.55 10.95 3.16
CA HIS B 382 -8.74 11.28 3.92
C HIS B 382 -8.48 12.53 4.80
N ASP B 383 -7.85 13.54 4.19
CA ASP B 383 -7.77 14.91 4.67
C ASP B 383 -9.10 15.52 5.10
N VAL B 384 -8.97 16.66 5.78
CA VAL B 384 -10.09 17.54 6.06
C VAL B 384 -10.71 18.03 4.76
N GLU B 385 -9.91 18.39 3.77
CA GLU B 385 -10.47 18.77 2.48
C GLU B 385 -11.30 17.62 1.89
N TYR B 386 -10.89 16.38 2.13
CA TYR B 386 -11.60 15.25 1.54
C TYR B 386 -13.03 15.23 2.07
N TRP B 387 -13.19 15.34 3.39
CA TRP B 387 -14.51 15.32 3.99
C TRP B 387 -15.39 16.50 3.56
N LYS B 388 -14.78 17.67 3.29
CA LYS B 388 -15.52 18.85 2.87
C LYS B 388 -16.02 18.65 1.44
N LYS B 389 -15.10 18.23 0.56
CA LYS B 389 -15.44 17.94 -0.83
C LYS B 389 -16.52 16.86 -0.90
N GLY B 390 -16.45 15.85 -0.04
CA GLY B 390 -17.38 14.73 -0.06
C GLY B 390 -18.80 15.18 0.27
N LEU B 391 -18.92 16.04 1.28
CA LEU B 391 -20.24 16.48 1.73
C LEU B 391 -20.83 17.47 0.72
N ARG B 392 -19.96 18.29 0.15
CA ARG B 392 -20.37 19.42 -0.68
C ARG B 392 -20.68 18.97 -2.10
N HIS B 393 -19.77 18.19 -2.70
CA HIS B 393 -19.87 17.91 -4.13
C HIS B 393 -20.55 16.57 -4.37
N SER B 394 -20.79 16.31 -5.66
CA SER B 394 -21.57 15.19 -6.13
C SER B 394 -20.84 13.86 -5.85
N VAL B 395 -21.62 12.77 -5.84
CA VAL B 395 -21.07 11.45 -5.58
C VAL B 395 -21.07 10.64 -6.87
N TYR B 396 -19.87 10.36 -7.36
CA TYR B 396 -19.68 9.68 -8.63
C TYR B 396 -19.61 8.17 -8.37
N PHE B 397 -20.76 7.60 -8.00
CA PHE B 397 -20.82 6.21 -7.58
C PHE B 397 -20.75 5.28 -8.79
N THR B 398 -21.63 5.53 -9.76
CA THR B 398 -21.73 4.71 -10.95
C THR B 398 -20.36 4.64 -11.63
N HIS B 399 -19.62 5.75 -11.64
CA HIS B 399 -18.28 5.85 -12.21
C HIS B 399 -17.30 4.95 -11.47
N GLY B 400 -17.33 4.99 -10.13
CA GLY B 400 -16.47 4.15 -9.32
C GLY B 400 -16.68 2.66 -9.59
N ILE B 401 -17.95 2.23 -9.61
CA ILE B 401 -18.27 0.85 -9.89
C ILE B 401 -17.75 0.47 -11.28
N ARG B 402 -17.89 1.37 -12.25
CA ARG B 402 -17.46 1.06 -13.61
C ARG B 402 -15.94 0.89 -13.65
N ASN B 403 -15.21 1.75 -12.93
CA ASN B 403 -13.77 1.60 -12.86
C ASN B 403 -13.41 0.27 -12.21
N ALA B 404 -14.19 -0.15 -11.20
CA ALA B 404 -13.90 -1.40 -10.53
C ALA B 404 -14.02 -2.57 -11.51
N VAL B 405 -15.11 -2.57 -12.28
CA VAL B 405 -15.39 -3.58 -13.29
C VAL B 405 -14.31 -3.63 -14.36
N ASP B 406 -14.00 -2.46 -14.91
CA ASP B 406 -12.96 -2.32 -15.91
C ASP B 406 -11.64 -2.90 -15.39
N SER B 407 -11.34 -2.72 -14.10
CA SER B 407 -10.09 -3.23 -13.56
C SER B 407 -10.22 -4.66 -13.01
N GLY B 408 -11.26 -5.44 -13.36
CA GLY B 408 -11.27 -6.87 -13.05
C GLY B 408 -12.13 -7.31 -11.86
N HIS B 409 -12.64 -6.38 -11.06
CA HIS B 409 -13.47 -6.74 -9.91
C HIS B 409 -14.80 -7.27 -10.42
N THR B 410 -15.22 -8.42 -9.88
CA THR B 410 -16.54 -8.96 -10.16
C THR B 410 -17.35 -9.18 -8.89
N THR B 411 -16.72 -9.20 -7.71
CA THR B 411 -17.47 -9.42 -6.47
C THR B 411 -17.62 -8.08 -5.76
N PHE B 412 -18.88 -7.75 -5.46
CA PHE B 412 -19.24 -6.53 -4.73
C PHE B 412 -20.12 -6.94 -3.55
N LEU B 413 -19.69 -6.55 -2.35
CA LEU B 413 -20.31 -6.97 -1.10
C LEU B 413 -20.71 -5.69 -0.40
N GLU B 414 -22.01 -5.54 -0.09
CA GLU B 414 -22.51 -4.34 0.55
C GLU B 414 -22.66 -4.60 2.05
N LEU B 415 -22.01 -3.72 2.85
CA LEU B 415 -22.20 -3.64 4.29
C LEU B 415 -23.28 -2.60 4.58
N ALA B 416 -24.46 -3.08 4.93
CA ALA B 416 -25.63 -2.22 5.09
C ALA B 416 -26.71 -2.94 5.90
N PRO B 417 -27.64 -2.15 6.48
CA PRO B 417 -28.87 -2.69 7.05
C PRO B 417 -29.92 -3.08 6.04
N ASN B 418 -29.77 -2.59 4.81
CA ASN B 418 -30.65 -2.98 3.73
C ASN B 418 -29.87 -2.79 2.44
N PRO B 419 -29.88 -3.75 1.50
CA PRO B 419 -28.96 -3.69 0.35
C PRO B 419 -29.42 -2.81 -0.82
N VAL B 420 -29.76 -1.55 -0.52
CA VAL B 420 -30.23 -0.59 -1.52
C VAL B 420 -29.15 -0.31 -2.58
N ALA B 421 -27.93 -0.02 -2.14
CA ALA B 421 -26.88 0.31 -3.09
C ALA B 421 -26.49 -0.87 -3.99
N LEU B 422 -26.65 -2.10 -3.50
CA LEU B 422 -26.20 -3.26 -4.25
C LEU B 422 -27.03 -3.39 -5.52
N MET B 423 -28.32 -3.02 -5.43
CA MET B 423 -29.19 -2.97 -6.60
C MET B 423 -28.63 -2.00 -7.61
N GLN B 424 -28.02 -0.91 -7.15
CA GLN B 424 -27.45 0.08 -8.08
C GLN B 424 -26.20 -0.49 -8.72
N VAL B 425 -25.48 -1.29 -7.94
CA VAL B 425 -24.28 -1.94 -8.43
C VAL B 425 -24.66 -2.91 -9.55
N ALA B 426 -25.78 -3.63 -9.41
CA ALA B 426 -26.21 -4.61 -10.40
C ALA B 426 -26.48 -3.93 -11.73
N LEU B 427 -27.17 -2.77 -11.67
CA LEU B 427 -27.49 -2.01 -12.86
C LEU B 427 -26.20 -1.55 -13.55
N THR B 428 -25.23 -1.08 -12.77
CA THR B 428 -24.03 -0.56 -13.38
C THR B 428 -23.18 -1.68 -13.97
N THR B 429 -23.05 -2.81 -13.24
CA THR B 429 -22.21 -3.91 -13.68
C THR B 429 -22.76 -4.45 -15.00
N ALA B 430 -24.07 -4.71 -15.05
CA ALA B 430 -24.71 -5.21 -16.27
C ALA B 430 -24.50 -4.24 -17.43
N ASP B 431 -24.79 -2.95 -17.20
CA ASP B 431 -24.57 -1.93 -18.21
C ASP B 431 -23.14 -1.90 -18.71
N ALA B 432 -22.15 -2.30 -17.88
CA ALA B 432 -20.74 -2.24 -18.26
C ALA B 432 -20.25 -3.56 -18.87
N GLY B 433 -21.13 -4.53 -19.12
CA GLY B 433 -20.77 -5.75 -19.80
C GLY B 433 -20.49 -6.94 -18.87
N LEU B 434 -20.95 -6.88 -17.61
CA LEU B 434 -20.70 -7.92 -16.63
C LEU B 434 -22.05 -8.46 -16.18
N HIS B 435 -22.39 -9.64 -16.70
CA HIS B 435 -23.72 -10.17 -16.57
C HIS B 435 -23.71 -11.23 -15.47
N ASP B 436 -22.56 -11.50 -14.88
CA ASP B 436 -22.54 -12.42 -13.75
C ASP B 436 -21.69 -11.90 -12.57
N ALA B 437 -21.79 -10.62 -12.19
CA ALA B 437 -21.09 -10.15 -11.01
C ALA B 437 -21.55 -10.97 -9.80
N GLN B 438 -20.71 -11.07 -8.78
CA GLN B 438 -21.14 -11.67 -7.53
C GLN B 438 -21.62 -10.54 -6.61
N LEU B 439 -22.93 -10.46 -6.40
CA LEU B 439 -23.53 -9.39 -5.63
C LEU B 439 -23.95 -9.93 -4.28
N ILE B 440 -23.24 -9.51 -3.23
CA ILE B 440 -23.43 -10.15 -1.93
C ILE B 440 -23.98 -9.13 -0.96
N PRO B 441 -25.25 -9.24 -0.54
CA PRO B 441 -25.78 -8.36 0.50
C PRO B 441 -25.36 -8.84 1.88
N THR B 442 -25.62 -7.99 2.89
CA THR B 442 -25.55 -8.42 4.26
C THR B 442 -26.96 -8.41 4.83
N LEU B 443 -27.28 -7.43 5.66
CA LEU B 443 -28.57 -7.43 6.34
C LEU B 443 -29.63 -6.90 5.40
N ALA B 444 -30.85 -7.33 5.68
CA ALA B 444 -32.04 -6.87 4.97
C ALA B 444 -33.24 -6.87 5.94
N ARG B 445 -34.03 -5.79 5.86
CA ARG B 445 -35.27 -5.66 6.61
C ARG B 445 -36.17 -6.85 6.28
N LYS B 446 -36.80 -7.41 7.31
CA LYS B 446 -37.76 -8.49 7.10
C LYS B 446 -37.02 -9.77 6.67
N GLN B 447 -35.72 -9.88 7.01
CA GLN B 447 -34.96 -11.10 6.81
C GLN B 447 -34.17 -11.38 8.09
N ASP B 448 -34.12 -12.65 8.51
CA ASP B 448 -33.37 -12.99 9.69
C ASP B 448 -31.92 -12.53 9.54
N GLU B 449 -31.45 -11.74 10.50
CA GLU B 449 -30.17 -11.08 10.41
C GLU B 449 -29.03 -12.11 10.49
N VAL B 450 -29.23 -13.18 11.28
CA VAL B 450 -28.20 -14.18 11.53
C VAL B 450 -28.02 -15.05 10.27
N SER B 451 -29.14 -15.50 9.67
CA SER B 451 -29.22 -16.20 8.39
C SER B 451 -28.52 -15.42 7.29
N SER B 452 -28.79 -14.12 7.28
CA SER B 452 -28.30 -13.27 6.24
C SER B 452 -26.77 -13.32 6.26
N MET B 453 -26.17 -13.36 7.45
CA MET B 453 -24.73 -13.29 7.55
C MET B 453 -24.11 -14.66 7.25
N VAL B 454 -24.81 -15.75 7.61
CA VAL B 454 -24.37 -17.07 7.18
C VAL B 454 -24.25 -17.06 5.66
N SER B 455 -25.33 -16.62 5.00
CA SER B 455 -25.40 -16.59 3.55
C SER B 455 -24.29 -15.71 2.96
N THR B 456 -24.08 -14.51 3.53
CA THR B 456 -23.00 -13.66 3.08
C THR B 456 -21.66 -14.41 3.05
N MET B 457 -21.34 -15.07 4.17
CA MET B 457 -20.07 -15.70 4.39
C MET B 457 -19.90 -16.94 3.51
N ALA B 458 -20.98 -17.71 3.33
CA ALA B 458 -21.01 -18.79 2.38
C ALA B 458 -20.61 -18.33 0.98
N GLN B 459 -21.20 -17.23 0.53
CA GLN B 459 -20.90 -16.72 -0.80
C GLN B 459 -19.43 -16.34 -0.89
N LEU B 460 -18.90 -15.71 0.15
CA LEU B 460 -17.49 -15.38 0.06
C LEU B 460 -16.69 -16.68 -0.11
N TYR B 461 -17.08 -17.72 0.61
CA TYR B 461 -16.35 -18.97 0.60
C TYR B 461 -16.41 -19.56 -0.79
N VAL B 462 -17.62 -19.64 -1.33
CA VAL B 462 -17.81 -20.30 -2.60
C VAL B 462 -16.91 -19.72 -3.68
N TYR B 463 -16.83 -18.39 -3.77
CA TYR B 463 -16.11 -17.70 -4.83
C TYR B 463 -14.61 -17.68 -4.57
N GLY B 464 -14.13 -18.32 -3.50
CA GLY B 464 -12.71 -18.44 -3.26
C GLY B 464 -12.12 -17.24 -2.51
N HIS B 465 -12.95 -16.31 -2.05
CA HIS B 465 -12.43 -15.16 -1.30
C HIS B 465 -11.96 -15.61 0.08
N ASP B 466 -11.14 -14.80 0.74
CA ASP B 466 -10.73 -15.16 2.10
C ASP B 466 -11.93 -15.24 3.01
N LEU B 467 -12.04 -16.39 3.68
CA LEU B 467 -13.17 -16.71 4.52
C LEU B 467 -12.88 -18.11 5.06
N ASP B 468 -12.72 -18.23 6.39
CA ASP B 468 -12.50 -19.51 7.04
C ASP B 468 -13.82 -20.12 7.43
N ILE B 469 -14.34 -21.01 6.59
CA ILE B 469 -15.67 -21.57 6.79
C ILE B 469 -15.77 -22.44 8.05
N ARG B 470 -14.61 -22.86 8.62
CA ARG B 470 -14.62 -23.57 9.90
C ARG B 470 -15.22 -22.71 11.02
N THR B 471 -15.00 -21.39 10.94
CA THR B 471 -15.39 -20.45 11.98
C THR B 471 -16.91 -20.22 11.95
N LEU B 472 -17.62 -20.82 10.99
CA LEU B 472 -19.07 -20.78 11.02
C LEU B 472 -19.66 -21.90 11.88
N PHE B 473 -18.82 -22.74 12.48
CA PHE B 473 -19.31 -23.73 13.43
C PHE B 473 -18.53 -23.53 14.71
N SER B 474 -19.19 -23.80 15.84
CA SER B 474 -18.47 -23.80 17.11
C SER B 474 -17.46 -24.95 17.07
N ARG B 475 -16.39 -24.79 17.84
CA ARG B 475 -15.37 -25.82 17.94
C ARG B 475 -16.00 -27.10 18.47
N ALA B 476 -15.56 -28.24 17.95
CA ALA B 476 -16.08 -29.52 18.40
C ALA B 476 -15.73 -29.76 19.88
N SER B 477 -16.69 -30.38 20.58
CA SER B 477 -16.64 -30.64 22.01
C SER B 477 -16.51 -32.13 22.30
N GLY B 478 -16.80 -32.95 21.29
CA GLY B 478 -16.60 -34.38 21.34
C GLY B 478 -17.12 -35.00 20.06
N PRO B 479 -17.00 -36.33 19.88
CA PRO B 479 -17.26 -36.93 18.57
C PRO B 479 -18.70 -36.70 18.10
N GLN B 480 -19.62 -36.43 19.03
CA GLN B 480 -21.00 -36.18 18.67
C GLN B 480 -21.12 -34.93 17.79
N ASP B 481 -20.09 -34.05 17.83
CA ASP B 481 -20.11 -32.82 17.04
C ASP B 481 -19.66 -33.04 15.59
N TYR B 482 -19.23 -34.25 15.25
CA TYR B 482 -18.84 -34.54 13.88
C TYR B 482 -19.66 -35.68 13.32
N ALA B 483 -20.53 -35.40 12.35
CA ALA B 483 -21.20 -36.49 11.67
C ALA B 483 -20.17 -37.37 10.93
N ASN B 484 -20.49 -38.65 10.80
CA ASN B 484 -19.65 -39.59 10.08
C ASN B 484 -19.99 -39.60 8.60
N ILE B 485 -19.67 -38.49 7.94
CA ILE B 485 -19.97 -38.36 6.52
C ILE B 485 -19.01 -39.31 5.81
N PRO B 486 -19.38 -39.83 4.61
CA PRO B 486 -18.53 -40.78 3.91
C PRO B 486 -17.29 -40.02 3.48
N PRO B 487 -16.08 -40.61 3.62
CA PRO B 487 -14.88 -40.12 2.93
C PRO B 487 -15.20 -40.09 1.45
N THR B 488 -14.64 -39.14 0.70
CA THR B 488 -14.82 -39.14 -0.74
C THR B 488 -13.55 -39.59 -1.48
N ARG B 489 -13.73 -40.19 -2.66
CA ARG B 489 -12.63 -40.42 -3.58
C ARG B 489 -12.53 -39.24 -4.56
N PHE B 490 -13.56 -38.40 -4.61
CA PHE B 490 -13.62 -37.27 -5.53
C PHE B 490 -13.07 -36.02 -4.85
N LYS B 491 -11.75 -35.76 -5.01
CA LYS B 491 -11.02 -34.75 -4.25
C LYS B 491 -10.57 -33.52 -5.08
N ARG C 4 -36.16 -6.70 -3.79
CA ARG C 4 -35.79 -7.70 -4.83
C ARG C 4 -34.68 -8.65 -4.35
N PHE C 5 -34.29 -8.61 -3.06
CA PHE C 5 -33.35 -9.56 -2.48
C PHE C 5 -34.08 -10.57 -1.58
N ASP C 6 -33.73 -11.87 -1.70
CA ASP C 6 -34.37 -12.94 -0.94
C ASP C 6 -33.58 -13.30 0.33
N GLU C 7 -33.99 -14.37 1.02
CA GLU C 7 -33.41 -14.83 2.29
C GLU C 7 -31.91 -15.17 2.18
N PHE C 8 -31.41 -15.29 0.94
CA PHE C 8 -30.05 -15.78 0.66
C PHE C 8 -29.19 -14.75 -0.06
N GLY C 9 -29.81 -13.76 -0.72
CA GLY C 9 -29.06 -12.71 -1.38
C GLY C 9 -29.20 -12.69 -2.91
N ASN C 10 -30.16 -13.44 -3.48
CA ASN C 10 -30.36 -13.44 -4.93
C ASN C 10 -31.28 -12.28 -5.33
N ILE C 11 -31.07 -11.72 -6.55
CA ILE C 11 -31.92 -10.67 -7.13
C ILE C 11 -33.23 -11.30 -7.60
N ILE C 12 -34.35 -10.55 -7.49
CA ILE C 12 -35.64 -10.91 -8.09
C ILE C 12 -36.14 -9.73 -8.96
S SO4 D . 25.13 -11.56 -3.79
O1 SO4 D . 24.62 -12.83 -4.20
O2 SO4 D . 26.06 -11.73 -2.72
O3 SO4 D . 25.83 -10.97 -4.91
O4 SO4 D . 24.02 -10.75 -3.35
S SO4 E . 27.48 42.32 -0.60
O1 SO4 E . 27.34 41.77 -1.92
O2 SO4 E . 26.38 41.88 0.22
O3 SO4 E . 28.75 41.88 -0.05
O4 SO4 E . 27.46 43.74 -0.68
S SO4 F . 18.40 39.30 -1.17
O1 SO4 F . 19.13 40.17 -2.06
O2 SO4 F . 19.19 38.16 -0.81
O3 SO4 F . 18.03 40.03 0.01
O4 SO4 F . 17.21 38.84 -1.84
S SO4 G . 12.98 30.65 -15.17
O1 SO4 G . 13.43 31.91 -15.72
O2 SO4 G . 13.00 29.66 -16.21
O3 SO4 G . 13.89 30.27 -14.11
O4 SO4 G . 11.63 30.80 -14.66
S SO4 H . 18.08 16.78 -21.34
O1 SO4 H . 17.63 16.54 -22.69
O2 SO4 H . 19.12 15.81 -21.02
O3 SO4 H . 18.61 18.13 -21.24
O4 SO4 H . 16.97 16.61 -20.45
S SO4 I . 29.73 -12.65 -19.59
O1 SO4 I . 28.48 -11.95 -19.72
O2 SO4 I . 29.83 -13.60 -20.68
O3 SO4 I . 30.82 -11.70 -19.65
O4 SO4 I . 29.75 -13.37 -18.35
S SO4 J . 7.35 1.60 -15.49
O1 SO4 J . 5.92 1.47 -15.37
O2 SO4 J . 7.84 2.36 -14.37
O3 SO4 J . 7.96 0.28 -15.49
O4 SO4 J . 7.68 2.27 -16.71
S SO4 K . 11.36 0.61 -10.16
O1 SO4 K . 11.96 1.00 -11.42
O2 SO4 K . 12.17 1.05 -9.06
O3 SO4 K . 10.07 1.21 -10.05
O4 SO4 K . 11.24 -0.82 -10.13
S SO4 L . 23.06 35.09 -19.45
O1 SO4 L . 24.36 34.61 -19.90
O2 SO4 L . 22.76 36.29 -20.17
O3 SO4 L . 22.04 34.11 -19.73
O4 SO4 L . 23.10 35.35 -18.03
S SO4 M . 17.27 27.91 15.82
O1 SO4 M . 17.83 27.46 14.56
O2 SO4 M . 16.31 26.94 16.27
O3 SO4 M . 18.34 28.03 16.77
O4 SO4 M . 16.64 29.20 15.65
S SO4 N . 26.97 16.45 -22.72
O1 SO4 N . 26.28 17.33 -23.63
O2 SO4 N . 28.31 16.20 -23.21
O3 SO4 N . 27.03 17.07 -21.41
O4 SO4 N . 26.27 15.21 -22.63
S SO4 O . 40.71 9.28 -12.03
O1 SO4 O . 41.19 8.86 -13.31
O2 SO4 O . 39.57 8.47 -11.70
O3 SO4 O . 41.75 9.06 -11.05
O4 SO4 O . 40.32 10.67 -12.05
S SO4 P . 44.14 2.80 -5.07
O1 SO4 P . 44.33 1.66 -5.96
O2 SO4 P . 44.20 2.38 -3.70
O3 SO4 P . 45.18 3.77 -5.29
O4 SO4 P . 42.85 3.39 -5.32
S SO4 Q . 38.65 6.41 -0.63
O1 SO4 Q . 39.05 5.04 -0.75
O2 SO4 Q . 38.26 6.89 -1.94
O3 SO4 Q . 37.53 6.54 0.28
O4 SO4 Q . 39.76 7.18 -0.15
S SO4 R . 39.46 -2.36 -29.05
O1 SO4 R . 39.76 -2.98 -27.79
O2 SO4 R . 38.08 -2.57 -29.41
O3 SO4 R . 39.72 -0.95 -28.94
O4 SO4 R . 40.31 -2.90 -30.08
S SO4 S . 15.34 2.03 -26.01
O1 SO4 S . 14.40 1.05 -26.53
O2 SO4 S . 14.74 3.32 -26.00
O3 SO4 S . 15.72 1.66 -24.67
O4 SO4 S . 16.52 2.04 -26.86
CL CL T . 26.38 -4.51 20.01
CL CL U . 30.86 18.02 -15.99
CL CL V . 13.21 9.62 16.20
CL CL W . 14.74 11.33 4.47
CL CL X . 13.27 18.48 5.79
CL CL Y . 30.66 28.69 5.00
CL CL Z . 25.88 29.43 12.26
CL CL AA . 26.80 35.45 4.59
CL CL BA . 34.74 25.30 -13.32
O1 PG4 CA . 22.50 -13.34 -7.09
C1 PG4 CA . 22.58 -14.74 -6.84
C2 PG4 CA . 23.86 -15.35 -7.35
O2 PG4 CA . 23.59 -16.64 -7.90
C3 PG4 CA . 24.24 -17.71 -7.22
C4 PG4 CA . 25.38 -18.20 -8.04
O3 PG4 CA . 25.29 -19.62 -8.17
C5 PG4 CA . 26.56 -20.27 -8.30
C6 PG4 CA . 26.35 -21.76 -8.47
O4 PG4 CA . 27.57 -22.47 -8.37
C7 PG4 CA . 27.42 -23.85 -8.64
C8 PG4 CA . 28.70 -24.61 -8.42
O5 PG4 CA . 29.44 -24.79 -9.62
C1 EDO DA . 22.53 35.06 10.65
O1 EDO DA . 23.71 34.38 11.04
C2 EDO DA . 21.67 35.43 11.80
O2 EDO DA . 21.37 34.36 12.69
S DMS EA . 17.61 6.34 19.11
O DMS EA . 16.63 5.45 18.35
C1 DMS EA . 19.15 5.44 19.28
C2 DMS EA . 17.10 6.32 20.82
C1 GOL FA . 14.53 -1.67 -17.95
O1 GOL FA . 15.52 -2.51 -17.36
C2 GOL FA . 15.12 -0.47 -18.68
O2 GOL FA . 14.31 -0.18 -19.82
C3 GOL FA . 15.24 0.80 -17.84
O3 GOL FA . 16.43 1.55 -18.11
C1 EDO GA . 5.83 -17.95 12.70
O1 EDO GA . 6.45 -18.48 13.84
C2 EDO GA . 4.34 -17.90 12.76
O2 EDO GA . 3.84 -16.61 12.48
S SO4 HA . -37.49 -2.70 1.97
O1 SO4 HA . -36.53 -3.66 1.54
O2 SO4 HA . -38.42 -3.36 2.86
O3 SO4 HA . -36.87 -1.63 2.67
O4 SO4 HA . -38.20 -2.17 0.84
S SO4 IA . -35.68 -17.24 16.81
O1 SO4 IA . -36.00 -17.77 15.52
O2 SO4 IA . -35.14 -18.30 17.63
O3 SO4 IA . -34.70 -16.19 16.69
O4 SO4 IA . -36.88 -16.70 17.41
S SO4 JA . -43.50 25.83 -4.27
O1 SO4 JA . -44.13 26.38 -5.43
O2 SO4 JA . -42.94 24.54 -4.59
O3 SO4 JA . -42.46 26.72 -3.83
O4 SO4 JA . -44.47 25.71 -3.22
S SO4 KA . -29.94 13.94 18.70
O1 SO4 KA . -30.81 13.91 17.55
O2 SO4 KA . -30.49 14.84 19.68
O3 SO4 KA . -29.84 12.61 19.28
O4 SO4 KA . -28.65 14.44 18.30
S SO4 LA . -43.81 -4.45 4.35
O1 SO4 LA . -44.19 -3.24 5.06
O2 SO4 LA . -43.18 -4.09 3.12
O3 SO4 LA . -42.91 -5.21 5.17
O4 SO4 LA . -44.97 -5.24 4.07
S SO4 MA . -9.56 -34.24 3.51
O1 SO4 MA . -9.61 -33.51 4.81
O2 SO4 MA . -9.74 -35.70 3.79
O3 SO4 MA . -10.63 -33.75 2.57
O4 SO4 MA . -8.21 -34.02 2.93
S SO4 NA . -9.32 -2.52 9.16
O1 SO4 NA . -10.27 -2.99 10.15
O2 SO4 NA . -7.99 -2.96 9.49
O3 SO4 NA . -9.71 -3.06 7.87
O4 SO4 NA . -9.33 -1.09 9.14
CL CL OA . -26.94 19.13 -11.25
CL CL PA . -20.20 6.47 -15.97
CL CL QA . -20.70 -19.49 14.96
CL CL RA . -8.59 -26.01 2.97
CL CL SA . -30.39 -24.19 -14.23
CL CL TA . -42.96 -3.16 17.18
C1 PEG UA . -23.24 22.80 -7.57
O1 PEG UA . -23.64 24.17 -7.60
C2 PEG UA . -21.78 22.63 -7.87
O2 PEG UA . -21.39 21.28 -7.68
C3 PEG UA . -21.63 20.45 -8.81
C4 PEG UA . -21.40 19.05 -8.43
O4 PEG UA . -20.12 18.84 -7.89
C1 PEG VA . -31.69 -31.18 11.45
O1 PEG VA . -31.09 -31.36 12.75
C2 PEG VA . -33.22 -31.39 11.41
O2 PEG VA . -33.62 -31.89 10.13
C3 PEG VA . -35.01 -32.20 9.98
C4 PEG VA . -35.26 -33.31 8.92
O4 PEG VA . -35.93 -32.88 7.68
C1 EDO WA . -10.33 -21.13 4.56
O1 EDO WA . -9.08 -21.51 4.00
C2 EDO WA . -11.28 -22.28 4.68
O2 EDO WA . -12.67 -21.96 4.44
C1 GOL XA . -38.66 -2.58 10.10
O1 GOL XA . -37.73 -2.29 11.15
C2 GOL XA . -39.79 -1.56 9.89
O2 GOL XA . -40.35 -1.12 11.13
C3 GOL XA . -39.44 -0.38 9.00
O3 GOL XA . -38.83 0.73 9.66
C1 EDO YA . -24.53 -36.27 16.03
O1 EDO YA . -25.79 -35.73 15.68
C2 EDO YA . -23.73 -36.83 14.90
O2 EDO YA . -23.10 -38.06 15.24
S SO4 ZA . -37.85 -14.84 0.45
O1 SO4 ZA . -38.53 -15.06 -0.80
O2 SO4 ZA . -36.75 -15.77 0.58
O3 SO4 ZA . -37.34 -13.49 0.52
O4 SO4 ZA . -38.77 -15.04 1.55
#